data_6YKV
#
_entry.id   6YKV
#
_cell.length_a   49.109
_cell.length_b   80.729
_cell.length_c   224.377
_cell.angle_alpha   90.000
_cell.angle_beta   90.000
_cell.angle_gamma   90.000
#
_symmetry.space_group_name_H-M   'P 21 21 21'
#
loop_
_entity.id
_entity.type
_entity.pdbx_description
1 polymer 'Leucine--tRNA ligase'
2 non-polymer '[(2~{R},3~{S},4~{S},5~{R})-3,4-bis(oxidanyl)-5-[3-(4-pyridin-3-yl-1,2,3-triazol-1-yl)propyl]oxan-2-yl]methyl ~{N}-[(2~{S})-2-azanyl-4-methyl-pentanoyl]sulfamate'
3 non-polymer 'ZINC ION'
4 non-polymer 1,2-ETHANEDIOL
5 non-polymer 'MAGNESIUM ION'
6 water water
#
_entity_poly.entity_id   1
_entity_poly.type   'polypeptide(L)'
_entity_poly.pdbx_seq_one_letter_code
;GMQEHYQPAAIEPAAQKKWDDARISNVSEDASKPKYYCLSMFPYPSGKLHMGHVRNYTIGDVLSRFKLLNGFNVMQPMGW
DAFGMPAENAAMKNNVAPAAWTYDNIEYMKTQLKSLGFAVDWEREVATCKPEYYRWEQWLFTKLFEKGIVYRKNGTVNWD
PVDQTVLANEQVIDGRGWRSGALIEKREIPMYYFKITDYAEELLNDLDKLEHWPEQVKTMQRNWIGKSRGMTVRFAVSDD
SKQGLEGDYAKFLQVYTTRPDTLMGATYVAVAAEHPLATAAAADKPELQAFIAECKAGSVAEADMATMEKKGVPTGRYVV
NPLNGDKLEVWIANYVLWGYGDGAVMAVPAHDERDFEFAAKYNLPKKQVIAVGDNAFDANRWQEWYGDKENGVLVNSGDL
DGLDFQTAFDAVAAKLQSQGAGEPKTQYRLRDWGISRQRYWGCPIPIVHCEKCGNVPVPADQLPVVLPENVVPDGMGSPL
AKMPEFYETSCPCCGGAAKRETDTMDTFIESSWYFFRYMSPKFSDGMVSAESAKYWGAVDQYIGGIEHAILHLLYARFFT
KLMRDEGLVNVDEPFERLLTQGMVVCETYYRENDKGGKDWINPADVELTFDDKGRPVSAVLKADGLPVVISGTEKMSKSK
NNGVDPQELINAYGADTARLFMMFAAPPEQSLEWSDSGVEGAHRFLRRLWRTVYEYLKQGGAVKAFAGNQDGLSKELKDL
RHKLHSTTAKVSDDYGRRQQFNTAIAAVMELLNQYDKTDTGSEQGRAVAQEVLEAAVRLLWPIVPHICETLWSELNGAKL
WEAGWPTVDEAALVKSEIEVMVQVNGKLRGKITVAADASKADLEAAALANEGAVKFMEGKPAKKIIVVPGRLVNIVV
;
_entity_poly.pdbx_strand_id   A
#
loop_
_chem_comp.id
_chem_comp.type
_chem_comp.name
_chem_comp.formula
EDO non-polymer 1,2-ETHANEDIOL 'C2 H6 O2'
MG non-polymer 'MAGNESIUM ION' 'Mg 2'
OVQ non-polymer '[(2~{R},3~{S},4~{S},5~{R})-3,4-bis(oxidanyl)-5-[3-(4-pyridin-3-yl-1,2,3-triazol-1-yl)propyl]oxan-2-yl]methyl ~{N}-[(2~{S})-2-azanyl-4-methyl-pentanoyl]sulfamate' 'C22 H34 N6 O7 S'
ZN non-polymer 'ZINC ION' 'Zn 2'
#
# COMPACT_ATOMS: atom_id res chain seq x y z
N MET A 2 -35.05 -13.08 -25.55
CA MET A 2 -34.21 -12.01 -25.02
C MET A 2 -34.99 -10.70 -24.94
N GLN A 3 -35.07 -10.13 -23.74
CA GLN A 3 -35.77 -8.88 -23.54
C GLN A 3 -35.07 -7.75 -24.29
N GLU A 4 -35.88 -6.78 -24.74
CA GLU A 4 -35.35 -5.69 -25.55
C GLU A 4 -34.47 -4.76 -24.73
N HIS A 5 -34.85 -4.49 -23.49
CA HIS A 5 -34.18 -3.49 -22.67
C HIS A 5 -33.34 -4.15 -21.59
N TYR A 6 -32.22 -3.50 -21.27
CA TYR A 6 -31.26 -4.02 -20.31
C TYR A 6 -31.76 -3.76 -18.89
N GLN A 7 -32.01 -4.82 -18.13
CA GLN A 7 -32.44 -4.71 -16.74
C GLN A 7 -31.49 -5.48 -15.85
N PRO A 8 -30.63 -4.80 -15.09
CA PRO A 8 -29.60 -5.52 -14.31
C PRO A 8 -30.17 -6.45 -13.24
N ALA A 9 -31.24 -6.03 -12.55
CA ALA A 9 -31.79 -6.86 -11.48
C ALA A 9 -32.41 -8.15 -11.98
N ALA A 10 -32.64 -8.25 -13.29
CA ALA A 10 -33.21 -9.47 -13.87
C ALA A 10 -32.15 -10.43 -14.40
N ILE A 11 -30.89 -10.02 -14.47
CA ILE A 11 -29.86 -10.87 -15.06
C ILE A 11 -28.72 -11.13 -14.08
N GLU A 12 -28.51 -10.21 -13.14
CA GLU A 12 -27.35 -10.30 -12.25
C GLU A 12 -27.48 -11.44 -11.23
N PRO A 13 -28.64 -11.62 -10.58
CA PRO A 13 -28.76 -12.79 -9.68
C PRO A 13 -28.67 -14.13 -10.41
N ALA A 14 -29.18 -14.21 -11.64
CA ALA A 14 -29.09 -15.47 -12.38
C ALA A 14 -27.65 -15.79 -12.77
N ALA A 15 -26.88 -14.76 -13.15
CA ALA A 15 -25.49 -14.98 -13.51
C ALA A 15 -24.68 -15.46 -12.31
N GLN A 16 -24.95 -14.91 -11.13
CA GLN A 16 -24.21 -15.33 -9.95
C GLN A 16 -24.57 -16.76 -9.56
N LYS A 17 -25.84 -17.13 -9.68
CA LYS A 17 -26.22 -18.51 -9.36
C LYS A 17 -25.62 -19.49 -10.36
N LYS A 18 -25.46 -19.08 -11.62
CA LYS A 18 -24.82 -19.94 -12.60
C LYS A 18 -23.34 -20.15 -12.28
N TRP A 19 -22.65 -19.07 -11.86
CA TRP A 19 -21.25 -19.21 -11.49
C TRP A 19 -21.09 -20.03 -10.22
N ASP A 20 -21.98 -19.83 -9.25
CA ASP A 20 -21.93 -20.63 -8.02
C ASP A 20 -22.20 -22.09 -8.29
N ASP A 21 -23.15 -22.39 -9.18
CA ASP A 21 -23.45 -23.78 -9.52
C ASP A 21 -22.25 -24.47 -10.15
N ALA A 22 -21.58 -23.79 -11.09
CA ALA A 22 -20.41 -24.36 -11.75
C ALA A 22 -19.17 -24.35 -10.87
N ARG A 23 -19.21 -23.61 -9.75
CA ARG A 23 -18.11 -23.57 -8.79
C ARG A 23 -16.80 -23.13 -9.45
N ILE A 24 -16.91 -22.20 -10.40
CA ILE A 24 -15.74 -21.74 -11.14
C ILE A 24 -14.75 -21.03 -10.24
N SER A 25 -15.20 -20.48 -9.12
CA SER A 25 -14.32 -19.76 -8.20
C SER A 25 -13.83 -20.61 -7.04
N ASN A 26 -14.46 -21.76 -6.79
CA ASN A 26 -14.07 -22.64 -5.69
C ASN A 26 -12.99 -23.58 -6.21
N VAL A 27 -11.73 -23.24 -5.95
CA VAL A 27 -10.59 -23.93 -6.54
C VAL A 27 -9.89 -24.76 -5.47
N SER A 28 -9.15 -25.77 -5.94
CA SER A 28 -8.39 -26.67 -5.09
C SER A 28 -6.95 -26.73 -5.59
N GLU A 29 -6.12 -27.48 -4.87
CA GLU A 29 -4.71 -27.66 -5.24
C GLU A 29 -4.62 -28.71 -6.36
N ASP A 30 -5.13 -28.33 -7.52
CA ASP A 30 -5.17 -29.21 -8.69
C ASP A 30 -3.92 -29.00 -9.53
N ALA A 31 -3.12 -30.06 -9.66
CA ALA A 31 -1.85 -29.99 -10.39
C ALA A 31 -2.04 -30.02 -11.91
N SER A 32 -3.28 -29.98 -12.40
CA SER A 32 -3.49 -30.02 -13.84
C SER A 32 -3.40 -28.62 -14.45
N LYS A 33 -4.15 -27.65 -13.89
CA LYS A 33 -4.10 -26.29 -14.42
C LYS A 33 -3.04 -25.47 -13.68
N PRO A 34 -2.37 -24.55 -14.37
CA PRO A 34 -1.41 -23.68 -13.70
C PRO A 34 -2.10 -22.72 -12.75
N LYS A 35 -1.55 -22.58 -11.56
CA LYS A 35 -2.18 -21.77 -10.53
C LYS A 35 -1.97 -20.29 -10.78
N TYR A 36 -2.87 -19.49 -10.20
CA TYR A 36 -2.69 -18.05 -10.14
C TYR A 36 -3.35 -17.55 -8.85
N TYR A 37 -2.61 -16.76 -8.09
CA TYR A 37 -3.04 -16.26 -6.79
C TYR A 37 -3.18 -14.75 -6.91
N CYS A 38 -4.41 -14.28 -7.05
CA CYS A 38 -4.71 -12.85 -7.12
C CYS A 38 -5.40 -12.45 -5.83
N LEU A 39 -4.80 -11.51 -5.10
CA LEU A 39 -5.25 -11.16 -3.76
C LEU A 39 -5.46 -9.65 -3.64
N SER A 40 -6.62 -9.26 -3.12
CA SER A 40 -6.90 -7.89 -2.72
C SER A 40 -6.88 -7.80 -1.20
N MET A 41 -6.41 -6.66 -0.70
CA MET A 41 -6.29 -6.47 0.74
C MET A 41 -7.65 -6.60 1.42
N PHE A 42 -7.77 -7.58 2.32
CA PHE A 42 -9.05 -7.86 2.94
C PHE A 42 -9.47 -6.71 3.87
N PRO A 43 -10.77 -6.45 3.97
CA PRO A 43 -11.23 -5.22 4.63
C PRO A 43 -11.46 -5.38 6.12
N TYR A 44 -11.56 -4.23 6.78
CA TYR A 44 -12.09 -4.19 8.14
C TYR A 44 -13.61 -4.35 8.09
N PRO A 45 -14.18 -5.27 8.86
CA PRO A 45 -15.65 -5.35 8.92
C PRO A 45 -16.25 -4.20 9.72
N SER A 46 -16.21 -2.99 9.15
CA SER A 46 -16.63 -1.80 9.88
C SER A 46 -18.14 -1.55 9.82
N GLY A 47 -18.86 -2.25 8.95
CA GLY A 47 -20.28 -2.04 8.82
C GLY A 47 -20.78 -2.19 7.40
N LYS A 48 -20.35 -1.31 6.51
CA LYS A 48 -20.76 -1.31 5.12
C LYS A 48 -19.54 -1.12 4.22
N LEU A 49 -19.67 -1.55 2.97
CA LEU A 49 -18.67 -1.24 1.97
C LEU A 49 -18.68 0.25 1.65
N HIS A 50 -17.53 0.76 1.24
CA HIS A 50 -17.44 2.10 0.67
C HIS A 50 -16.86 2.00 -0.73
N MET A 51 -16.74 3.17 -1.38
CA MET A 51 -16.29 3.20 -2.78
C MET A 51 -14.87 2.67 -2.93
N GLY A 52 -14.03 2.89 -1.92
CA GLY A 52 -12.68 2.33 -1.97
C GLY A 52 -12.68 0.81 -1.99
N HIS A 53 -13.59 0.20 -1.23
CA HIS A 53 -13.76 -1.25 -1.29
C HIS A 53 -14.17 -1.69 -2.68
N VAL A 54 -15.17 -1.02 -3.26
CA VAL A 54 -15.66 -1.40 -4.58
C VAL A 54 -14.57 -1.28 -5.62
N ARG A 55 -13.80 -0.19 -5.57
CA ARG A 55 -12.71 0.00 -6.51
C ARG A 55 -11.65 -1.08 -6.38
N ASN A 56 -11.27 -1.39 -5.14
CA ASN A 56 -10.20 -2.37 -4.91
C ASN A 56 -10.61 -3.75 -5.40
N TYR A 57 -11.81 -4.20 -5.04
CA TYR A 57 -12.21 -5.56 -5.33
C TYR A 57 -12.72 -5.73 -6.75
N THR A 58 -13.08 -4.63 -7.43
CA THR A 58 -13.35 -4.71 -8.86
C THR A 58 -12.05 -4.86 -9.65
N ILE A 59 -11.01 -4.11 -9.27
CA ILE A 59 -9.71 -4.26 -9.89
C ILE A 59 -9.22 -5.70 -9.75
N GLY A 60 -9.30 -6.24 -8.54
CA GLY A 60 -8.88 -7.62 -8.32
C GLY A 60 -9.70 -8.63 -9.10
N ASP A 61 -10.99 -8.33 -9.30
CA ASP A 61 -11.84 -9.26 -10.04
C ASP A 61 -11.59 -9.21 -11.54
N VAL A 62 -11.25 -8.02 -12.08
CA VAL A 62 -10.90 -7.93 -13.49
C VAL A 62 -9.68 -8.78 -13.79
N LEU A 63 -8.63 -8.65 -12.96
CA LEU A 63 -7.42 -9.43 -13.17
C LEU A 63 -7.65 -10.92 -12.93
N SER A 64 -8.51 -11.25 -11.95
CA SER A 64 -8.80 -12.65 -11.67
C SER A 64 -9.58 -13.30 -12.81
N ARG A 65 -10.65 -12.64 -13.28
CA ARG A 65 -11.44 -13.19 -14.37
C ARG A 65 -10.64 -13.25 -15.66
N PHE A 66 -9.76 -12.28 -15.89
CA PHE A 66 -8.91 -12.33 -17.08
C PHE A 66 -8.00 -13.54 -17.07
N LYS A 67 -7.39 -13.84 -15.91
CA LYS A 67 -6.54 -15.02 -15.80
C LYS A 67 -7.35 -16.31 -15.87
N LEU A 68 -8.58 -16.29 -15.35
CA LEU A 68 -9.43 -17.48 -15.44
C LEU A 68 -9.78 -17.80 -16.89
N LEU A 69 -10.10 -16.77 -17.68
CA LEU A 69 -10.38 -16.97 -19.09
C LEU A 69 -9.16 -17.48 -19.86
N ASN A 70 -7.95 -17.24 -19.34
CA ASN A 70 -6.73 -17.71 -19.99
C ASN A 70 -6.29 -19.07 -19.49
N GLY A 71 -7.14 -19.78 -18.75
CA GLY A 71 -6.86 -21.15 -18.37
C GLY A 71 -6.14 -21.35 -17.06
N PHE A 72 -6.06 -20.33 -16.22
CA PHE A 72 -5.37 -20.45 -14.95
C PHE A 72 -6.31 -20.95 -13.86
N ASN A 73 -5.75 -21.75 -12.95
CA ASN A 73 -6.45 -22.16 -11.72
C ASN A 73 -6.33 -21.00 -10.75
N VAL A 74 -7.34 -20.12 -10.76
CA VAL A 74 -7.26 -18.83 -10.08
C VAL A 74 -7.86 -18.95 -8.68
N MET A 75 -7.10 -18.51 -7.68
CA MET A 75 -7.62 -18.36 -6.32
C MET A 75 -7.73 -16.88 -6.00
N GLN A 76 -8.95 -16.41 -5.76
CA GLN A 76 -9.22 -15.04 -5.33
C GLN A 76 -9.97 -15.12 -4.01
N PRO A 77 -9.25 -15.20 -2.89
CA PRO A 77 -9.91 -15.32 -1.59
C PRO A 77 -10.21 -13.97 -0.97
N MET A 78 -11.15 -13.99 -0.04
CA MET A 78 -11.51 -12.79 0.72
C MET A 78 -11.79 -13.18 2.16
N GLY A 79 -11.39 -12.32 3.09
CA GLY A 79 -11.62 -12.54 4.49
C GLY A 79 -11.87 -11.24 5.21
N TRP A 80 -11.68 -11.22 6.52
CA TRP A 80 -12.07 -10.07 7.34
C TRP A 80 -10.99 -9.77 8.36
N ASP A 81 -10.41 -8.57 8.27
CA ASP A 81 -9.44 -8.06 9.23
C ASP A 81 -10.22 -7.51 10.42
N ALA A 82 -10.57 -8.41 11.33
CA ALA A 82 -11.70 -8.17 12.22
C ALA A 82 -11.30 -7.43 13.50
N PHE A 83 -10.12 -7.69 14.03
CA PHE A 83 -9.71 -7.05 15.27
C PHE A 83 -9.43 -5.57 15.05
N GLY A 84 -9.44 -4.83 16.16
CA GLY A 84 -9.12 -3.41 16.11
C GLY A 84 -10.02 -2.54 16.96
N MET A 85 -9.75 -1.23 16.94
CA MET A 85 -10.46 -0.22 17.71
C MET A 85 -11.88 0.09 17.21
N PRO A 86 -12.17 0.05 15.90
CA PRO A 86 -13.55 0.34 15.46
C PRO A 86 -14.63 -0.41 16.22
N ALA A 87 -14.40 -1.68 16.53
CA ALA A 87 -15.41 -2.44 17.27
C ALA A 87 -15.52 -1.96 18.71
N GLU A 88 -14.41 -1.53 19.32
CA GLU A 88 -14.47 -1.05 20.70
C GLU A 88 -15.20 0.28 20.80
N ASN A 89 -14.95 1.20 19.86
CA ASN A 89 -15.65 2.48 19.88
C ASN A 89 -17.14 2.30 19.66
N ALA A 90 -17.52 1.47 18.69
CA ALA A 90 -18.93 1.18 18.48
C ALA A 90 -19.53 0.44 19.66
N ALA A 91 -18.72 -0.34 20.38
CA ALA A 91 -19.21 -1.02 21.58
C ALA A 91 -19.57 -0.03 22.67
N MET A 92 -18.73 0.98 22.90
CA MET A 92 -19.03 1.98 23.90
C MET A 92 -20.16 2.90 23.47
N LYS A 93 -20.25 3.19 22.17
CA LYS A 93 -21.27 4.11 21.69
C LYS A 93 -22.66 3.47 21.62
N ASN A 94 -22.73 2.17 21.30
CA ASN A 94 -24.00 1.50 21.08
C ASN A 94 -24.32 0.42 22.10
N ASN A 95 -23.46 0.21 23.10
CA ASN A 95 -23.74 -0.70 24.22
C ASN A 95 -23.92 -2.14 23.73
N VAL A 96 -23.01 -2.58 22.86
CA VAL A 96 -23.04 -3.93 22.31
C VAL A 96 -21.63 -4.53 22.43
N ALA A 97 -21.57 -5.83 22.22
CA ALA A 97 -20.27 -6.51 22.31
C ALA A 97 -19.52 -6.35 21.00
N PRO A 98 -18.19 -6.13 21.05
CA PRO A 98 -17.43 -5.97 19.81
C PRO A 98 -17.49 -7.18 18.89
N ALA A 99 -17.59 -8.39 19.45
CA ALA A 99 -17.66 -9.58 18.62
C ALA A 99 -18.98 -9.65 17.85
N ALA A 100 -20.09 -9.43 18.56
CA ALA A 100 -21.39 -9.45 17.90
C ALA A 100 -21.49 -8.33 16.86
N TRP A 101 -20.99 -7.14 17.20
CA TRP A 101 -20.96 -6.05 16.23
C TRP A 101 -20.13 -6.40 15.01
N THR A 102 -19.05 -7.17 15.21
CA THR A 102 -18.18 -7.54 14.10
C THR A 102 -18.84 -8.60 13.22
N TYR A 103 -19.43 -9.63 13.84
CA TYR A 103 -20.02 -10.72 13.06
C TYR A 103 -21.25 -10.27 12.27
N ASP A 104 -21.99 -9.28 12.78
CA ASP A 104 -23.12 -8.76 12.01
C ASP A 104 -22.62 -7.95 10.82
N ASN A 105 -21.58 -7.15 11.00
CA ASN A 105 -21.01 -6.41 9.87
C ASN A 105 -20.47 -7.36 8.82
N ILE A 106 -19.83 -8.46 9.25
CA ILE A 106 -19.28 -9.43 8.31
C ILE A 106 -20.39 -10.00 7.43
N GLU A 107 -21.54 -10.35 8.03
CA GLU A 107 -22.62 -10.93 7.26
C GLU A 107 -23.21 -9.92 6.28
N TYR A 108 -23.38 -8.67 6.70
CA TYR A 108 -23.94 -7.67 5.79
C TYR A 108 -22.95 -7.32 4.68
N MET A 109 -21.68 -7.13 5.03
CA MET A 109 -20.69 -6.78 4.01
C MET A 109 -20.44 -7.94 3.06
N LYS A 110 -20.55 -9.19 3.55
CA LYS A 110 -20.41 -10.34 2.67
C LYS A 110 -21.53 -10.37 1.63
N THR A 111 -22.75 -10.01 2.04
CA THR A 111 -23.87 -9.96 1.10
C THR A 111 -23.60 -8.93 0.01
N GLN A 112 -23.03 -7.77 0.38
CA GLN A 112 -22.74 -6.74 -0.61
C GLN A 112 -21.70 -7.20 -1.62
N LEU A 113 -20.65 -7.87 -1.13
CA LEU A 113 -19.59 -8.36 -2.03
C LEU A 113 -20.14 -9.40 -3.00
N LYS A 114 -20.96 -10.32 -2.51
CA LYS A 114 -21.58 -11.32 -3.38
C LYS A 114 -22.49 -10.65 -4.41
N SER A 115 -23.22 -9.61 -4.00
CA SER A 115 -24.10 -8.92 -4.93
C SER A 115 -23.31 -8.23 -6.04
N LEU A 116 -22.08 -7.82 -5.76
CA LEU A 116 -21.23 -7.22 -6.79
C LEU A 116 -20.68 -8.25 -7.77
N GLY A 117 -20.86 -9.54 -7.49
CA GLY A 117 -20.46 -10.57 -8.43
C GLY A 117 -18.97 -10.82 -8.51
N PHE A 118 -18.25 -10.64 -7.40
CA PHE A 118 -16.83 -10.93 -7.38
C PHE A 118 -16.59 -12.43 -7.38
N ALA A 119 -15.74 -12.91 -8.28
CA ALA A 119 -15.45 -14.34 -8.42
C ALA A 119 -14.52 -14.77 -7.29
N VAL A 120 -15.09 -14.93 -6.11
CA VAL A 120 -14.35 -15.15 -4.87
C VAL A 120 -14.61 -16.58 -4.38
N ASP A 121 -13.55 -17.25 -3.93
CA ASP A 121 -13.66 -18.57 -3.32
C ASP A 121 -14.07 -18.38 -1.86
N TRP A 122 -15.38 -18.42 -1.61
CA TRP A 122 -15.88 -18.20 -0.26
C TRP A 122 -15.65 -19.39 0.66
N GLU A 123 -15.24 -20.55 0.12
CA GLU A 123 -14.87 -21.67 0.96
C GLU A 123 -13.54 -21.44 1.67
N ARG A 124 -12.80 -20.40 1.31
CA ARG A 124 -11.54 -20.04 1.95
C ARG A 124 -11.66 -18.79 2.82
N GLU A 125 -12.89 -18.39 3.14
CA GLU A 125 -13.10 -17.18 3.94
C GLU A 125 -12.51 -17.37 5.34
N VAL A 126 -11.89 -16.30 5.85
CA VAL A 126 -11.34 -16.29 7.19
C VAL A 126 -11.83 -15.05 7.92
N ALA A 127 -11.91 -15.15 9.25
CA ALA A 127 -12.20 -14.02 10.12
C ALA A 127 -11.12 -14.01 11.19
N THR A 128 -10.30 -12.94 11.20
CA THR A 128 -9.12 -12.92 12.06
C THR A 128 -9.46 -12.90 13.55
N CYS A 129 -10.70 -12.57 13.91
CA CYS A 129 -11.11 -12.58 15.30
C CYS A 129 -11.56 -13.95 15.78
N LYS A 130 -11.63 -14.93 14.89
CA LYS A 130 -12.01 -16.27 15.33
C LYS A 130 -10.80 -16.99 15.93
N PRO A 131 -11.01 -17.77 16.98
CA PRO A 131 -9.89 -18.52 17.58
C PRO A 131 -9.21 -19.47 16.61
N GLU A 132 -9.94 -19.99 15.62
CA GLU A 132 -9.31 -20.88 14.65
C GLU A 132 -8.27 -20.18 13.80
N TYR A 133 -8.28 -18.85 13.77
CA TYR A 133 -7.28 -18.09 13.03
C TYR A 133 -6.14 -17.61 13.93
N TYR A 134 -6.45 -16.80 14.96
CA TYR A 134 -5.38 -16.17 15.71
C TYR A 134 -4.63 -17.13 16.62
N ARG A 135 -5.09 -18.39 16.75
CA ARG A 135 -4.33 -19.37 17.50
C ARG A 135 -2.95 -19.59 16.90
N TRP A 136 -2.82 -19.39 15.58
CA TRP A 136 -1.57 -19.70 14.89
C TRP A 136 -0.57 -18.55 14.92
N GLU A 137 -1.03 -17.31 15.04
CA GLU A 137 -0.10 -16.23 15.33
C GLU A 137 0.32 -16.25 16.79
N GLN A 138 -0.57 -16.67 17.68
CA GLN A 138 -0.17 -16.98 19.05
C GLN A 138 0.88 -18.08 19.06
N TRP A 139 0.74 -19.06 18.17
CA TRP A 139 1.71 -20.14 18.08
C TRP A 139 3.06 -19.61 17.60
N LEU A 140 3.06 -18.88 16.49
CA LEU A 140 4.32 -18.33 15.98
C LEU A 140 4.96 -17.39 16.99
N PHE A 141 4.14 -16.64 17.73
CA PHE A 141 4.64 -15.81 18.82
C PHE A 141 5.45 -16.63 19.81
N THR A 142 4.88 -17.75 20.28
CA THR A 142 5.56 -18.57 21.28
C THR A 142 6.86 -19.13 20.75
N LYS A 143 6.89 -19.53 19.47
CA LYS A 143 8.11 -20.08 18.89
C LYS A 143 9.19 -19.02 18.79
N LEU A 144 8.83 -17.81 18.37
CA LEU A 144 9.82 -16.74 18.26
C LEU A 144 10.21 -16.20 19.63
N PHE A 145 9.32 -16.31 20.61
CA PHE A 145 9.64 -15.88 21.97
C PHE A 145 10.70 -16.77 22.58
N GLU A 146 10.66 -18.08 22.27
CA GLU A 146 11.69 -18.99 22.74
C GLU A 146 13.04 -18.69 22.11
N LYS A 147 13.05 -18.36 20.81
CA LYS A 147 14.28 -18.05 20.09
C LYS A 147 14.80 -16.66 20.36
N GLY A 148 14.03 -15.80 21.03
CA GLY A 148 14.43 -14.44 21.27
C GLY A 148 14.08 -13.46 20.16
N ILE A 149 13.49 -13.92 19.07
CA ILE A 149 13.02 -13.02 18.02
C ILE A 149 11.92 -12.12 18.57
N VAL A 150 11.09 -12.65 19.45
CA VAL A 150 10.15 -11.86 20.24
C VAL A 150 10.73 -11.75 21.64
N TYR A 151 10.81 -10.52 22.15
CA TYR A 151 11.39 -10.29 23.47
C TYR A 151 10.57 -9.23 24.19
N ARG A 152 10.88 -9.05 25.48
CA ARG A 152 10.11 -8.21 26.38
C ARG A 152 11.04 -7.22 27.06
N LYS A 153 10.77 -5.93 26.90
CA LYS A 153 11.56 -4.90 27.56
C LYS A 153 10.66 -3.69 27.82
N ASN A 154 11.15 -2.78 28.65
CA ASN A 154 10.39 -1.59 29.01
C ASN A 154 10.40 -0.57 27.88
N GLY A 155 9.23 0.00 27.61
CA GLY A 155 9.11 1.07 26.64
C GLY A 155 8.28 2.21 27.20
N THR A 156 8.33 3.34 26.49
CA THR A 156 7.62 4.55 26.90
C THR A 156 6.32 4.68 26.09
N VAL A 157 5.22 4.93 26.79
CA VAL A 157 3.92 5.10 26.15
C VAL A 157 3.33 6.43 26.59
N ASN A 158 2.34 6.90 25.82
CA ASN A 158 1.59 8.11 26.12
C ASN A 158 0.32 7.69 26.83
N TRP A 159 0.27 7.91 28.15
CA TRP A 159 -0.88 7.51 28.95
C TRP A 159 -1.85 8.67 29.11
N ASP A 160 -3.12 8.42 28.79
CA ASP A 160 -4.17 9.42 28.99
C ASP A 160 -4.83 9.15 30.33
N PRO A 161 -4.72 10.05 31.32
CA PRO A 161 -5.28 9.78 32.64
C PRO A 161 -6.79 9.96 32.73
N VAL A 162 -7.42 10.60 31.76
CA VAL A 162 -8.87 10.79 31.78
C VAL A 162 -9.59 9.67 31.04
N ASP A 163 -9.12 9.32 29.84
CA ASP A 163 -9.69 8.21 29.11
C ASP A 163 -9.10 6.86 29.53
N GLN A 164 -8.06 6.87 30.36
CA GLN A 164 -7.53 5.65 30.99
C GLN A 164 -7.08 4.62 29.96
N THR A 165 -6.25 5.07 29.00
CA THR A 165 -5.70 4.16 28.01
C THR A 165 -4.47 4.79 27.39
N VAL A 166 -3.75 3.98 26.61
CA VAL A 166 -2.52 4.39 25.94
C VAL A 166 -2.87 5.00 24.59
N LEU A 167 -2.13 6.03 24.20
CA LEU A 167 -2.36 6.74 22.96
C LEU A 167 -1.11 6.75 22.11
N ALA A 168 -1.28 6.61 20.80
CA ALA A 168 -0.17 6.79 19.87
C ALA A 168 0.14 8.29 19.74
N ASN A 169 1.32 8.57 19.19
CA ASN A 169 1.72 9.97 19.01
C ASN A 169 0.78 10.70 18.05
N GLU A 170 0.22 9.98 17.07
CA GLU A 170 -0.74 10.59 16.16
C GLU A 170 -2.02 11.01 16.88
N GLN A 171 -2.29 10.42 18.04
CA GLN A 171 -3.48 10.73 18.82
CA GLN A 171 -3.47 10.73 18.83
C GLN A 171 -3.20 11.74 19.93
N VAL A 172 -2.03 12.36 19.94
CA VAL A 172 -1.66 13.36 20.93
C VAL A 172 -1.53 14.71 20.22
N ILE A 173 -2.26 15.71 20.71
CA ILE A 173 -2.28 17.04 20.13
C ILE A 173 -1.82 18.02 21.20
N ASP A 174 -0.67 18.65 20.98
CA ASP A 174 -0.11 19.64 21.89
C ASP A 174 0.05 19.07 23.30
N GLY A 175 0.48 17.82 23.38
CA GLY A 175 0.66 17.17 24.66
C GLY A 175 -0.61 16.72 25.34
N ARG A 176 -1.71 16.64 24.60
CA ARG A 176 -3.00 16.28 25.17
C ARG A 176 -3.70 15.25 24.28
N GLY A 177 -4.60 14.49 24.89
CA GLY A 177 -5.36 13.50 24.15
C GLY A 177 -6.37 14.15 23.21
N TRP A 178 -6.58 13.50 22.06
CA TRP A 178 -7.48 14.06 21.06
C TRP A 178 -8.94 14.04 21.50
N ARG A 179 -9.31 13.07 22.33
CA ARG A 179 -10.69 12.98 22.82
C ARG A 179 -10.86 13.69 24.16
N SER A 180 -10.02 13.35 25.15
CA SER A 180 -10.18 13.91 26.49
C SER A 180 -9.69 15.35 26.56
N GLY A 181 -8.62 15.66 25.84
CA GLY A 181 -7.99 16.97 25.99
C GLY A 181 -7.12 17.11 27.22
N ALA A 182 -6.88 16.02 27.94
CA ALA A 182 -6.04 16.05 29.14
C ALA A 182 -4.59 15.83 28.78
N LEU A 183 -3.70 16.40 29.59
CA LEU A 183 -2.27 16.21 29.38
C LEU A 183 -1.89 14.74 29.52
N ILE A 184 -1.16 14.23 28.54
CA ILE A 184 -0.73 12.84 28.58
C ILE A 184 0.51 12.71 29.46
N GLU A 185 0.72 11.53 30.01
CA GLU A 185 1.83 11.24 30.90
C GLU A 185 2.71 10.17 30.27
N LYS A 186 4.01 10.47 30.16
CA LYS A 186 4.96 9.49 29.66
C LYS A 186 5.20 8.42 30.72
N ARG A 187 4.97 7.16 30.37
CA ARG A 187 5.04 6.06 31.32
C ARG A 187 5.89 4.93 30.75
N GLU A 188 6.74 4.35 31.60
CA GLU A 188 7.56 3.21 31.22
C GLU A 188 6.84 1.92 31.64
N ILE A 189 6.55 1.07 30.66
CA ILE A 189 5.88 -0.21 30.93
C ILE A 189 6.54 -1.30 30.12
N PRO A 190 6.53 -2.53 30.63
CA PRO A 190 7.09 -3.66 29.87
C PRO A 190 6.19 -4.02 28.69
N MET A 191 6.79 -4.09 27.51
CA MET A 191 6.08 -4.44 26.28
C MET A 191 6.87 -5.49 25.51
N TYR A 192 6.21 -6.11 24.55
CA TYR A 192 6.81 -7.13 23.72
C TYR A 192 7.20 -6.56 22.36
N TYR A 193 8.28 -7.09 21.80
CA TYR A 193 8.84 -6.58 20.56
C TYR A 193 9.25 -7.72 19.65
N PHE A 194 9.01 -7.54 18.35
CA PHE A 194 9.63 -8.37 17.32
C PHE A 194 10.98 -7.75 16.96
N LYS A 195 12.03 -8.57 16.98
CA LYS A 195 13.38 -8.08 16.65
C LYS A 195 13.53 -8.06 15.13
N ILE A 196 12.74 -7.19 14.51
CA ILE A 196 12.75 -7.05 13.05
C ILE A 196 14.09 -6.50 12.56
N THR A 197 14.85 -5.82 13.43
CA THR A 197 16.16 -5.33 13.03
C THR A 197 17.15 -6.47 12.74
N ASP A 198 16.86 -7.68 13.20
CA ASP A 198 17.68 -8.83 12.83
C ASP A 198 17.51 -9.20 11.36
N TYR A 199 16.43 -8.77 10.72
CA TYR A 199 16.16 -9.04 9.33
C TYR A 199 16.30 -7.80 8.46
N ALA A 200 16.88 -6.73 8.99
CA ALA A 200 16.92 -5.45 8.27
C ALA A 200 17.66 -5.59 6.94
N GLU A 201 18.83 -6.23 6.97
CA GLU A 201 19.62 -6.36 5.75
C GLU A 201 18.92 -7.22 4.72
N GLU A 202 18.24 -8.28 5.18
CA GLU A 202 17.50 -9.16 4.27
C GLU A 202 16.25 -8.47 3.74
N LEU A 203 15.55 -7.72 4.60
CA LEU A 203 14.36 -7.00 4.14
C LEU A 203 14.72 -5.89 3.16
N LEU A 204 15.96 -5.38 3.23
CA LEU A 204 16.35 -4.30 2.34
C LEU A 204 16.83 -4.83 0.99
N ASN A 205 17.66 -5.88 1.02
CA ASN A 205 18.26 -6.38 -0.22
C ASN A 205 17.27 -7.17 -1.06
N ASP A 206 16.31 -7.85 -0.44
CA ASP A 206 15.33 -8.62 -1.20
C ASP A 206 14.37 -7.74 -2.00
N LEU A 207 14.33 -6.44 -1.71
CA LEU A 207 13.51 -5.53 -2.52
C LEU A 207 13.99 -5.50 -3.96
N ASP A 208 15.27 -5.80 -4.20
CA ASP A 208 15.79 -5.84 -5.57
C ASP A 208 15.20 -6.99 -6.38
N LYS A 209 14.72 -8.03 -5.71
CA LYS A 209 14.06 -9.13 -6.42
C LYS A 209 12.70 -8.72 -6.98
N LEU A 210 12.11 -7.65 -6.45
CA LEU A 210 10.74 -7.27 -6.78
C LEU A 210 10.73 -6.35 -8.01
N GLU A 211 10.99 -6.98 -9.16
CA GLU A 211 11.01 -6.23 -10.41
C GLU A 211 9.63 -5.77 -10.85
N HIS A 212 8.57 -6.37 -10.32
CA HIS A 212 7.20 -6.00 -10.68
C HIS A 212 6.51 -5.25 -9.55
N TRP A 213 7.29 -4.55 -8.71
CA TRP A 213 6.76 -3.62 -7.72
C TRP A 213 6.98 -2.18 -8.19
N PRO A 214 6.09 -1.27 -7.82
CA PRO A 214 6.32 0.14 -8.12
C PRO A 214 7.61 0.63 -7.48
N GLU A 215 8.36 1.44 -8.25
CA GLU A 215 9.64 1.92 -7.77
C GLU A 215 9.51 2.72 -6.48
N GLN A 216 8.43 3.48 -6.33
CA GLN A 216 8.27 4.32 -5.14
C GLN A 216 7.95 3.50 -3.90
N VAL A 217 7.24 2.39 -4.05
CA VAL A 217 6.98 1.52 -2.91
C VAL A 217 8.29 0.91 -2.41
N LYS A 218 9.14 0.47 -3.35
CA LYS A 218 10.45 -0.04 -2.97
C LYS A 218 11.31 1.08 -2.40
N THR A 219 11.22 2.28 -2.97
CA THR A 219 11.98 3.41 -2.46
C THR A 219 11.54 3.78 -1.05
N MET A 220 10.23 3.76 -0.79
CA MET A 220 9.74 4.11 0.54
C MET A 220 10.14 3.09 1.59
N GLN A 221 10.24 1.81 1.22
CA GLN A 221 10.69 0.81 2.17
C GLN A 221 12.18 0.91 2.44
N ARG A 222 12.97 1.25 1.42
CA ARG A 222 14.40 1.45 1.63
C ARG A 222 14.66 2.60 2.57
N ASN A 223 13.93 3.71 2.41
CA ASN A 223 14.10 4.85 3.30
C ASN A 223 13.62 4.54 4.71
N TRP A 224 12.59 3.71 4.85
CA TRP A 224 12.10 3.37 6.18
C TRP A 224 13.11 2.51 6.93
N ILE A 225 13.66 1.49 6.25
CA ILE A 225 14.72 0.69 6.85
C ILE A 225 15.93 1.59 7.12
N GLY A 226 16.27 2.45 6.18
CA GLY A 226 17.27 3.48 6.38
C GLY A 226 18.64 2.97 6.73
N LYS A 227 19.18 2.08 5.91
CA LYS A 227 20.55 1.59 6.12
C LYS A 227 21.54 2.67 5.70
N SER A 228 22.58 2.83 6.52
CA SER A 228 23.65 3.77 6.21
C SER A 228 24.98 3.13 6.55
N ARG A 229 25.97 3.36 5.70
CA ARG A 229 27.34 2.93 5.93
C ARG A 229 28.12 4.18 6.33
N GLY A 230 28.33 4.36 7.64
CA GLY A 230 28.96 5.56 8.13
C GLY A 230 30.17 5.32 9.00
N MET A 231 30.40 6.22 9.96
CA MET A 231 31.62 6.20 10.76
C MET A 231 31.30 6.59 12.19
N THR A 232 31.72 5.76 13.13
CA THR A 232 31.73 6.13 14.54
C THR A 232 32.93 7.03 14.81
N VAL A 233 32.69 8.18 15.44
CA VAL A 233 33.76 9.13 15.76
C VAL A 233 33.66 9.49 17.23
N ARG A 234 34.79 9.49 17.92
CA ARG A 234 34.86 9.83 19.34
C ARG A 234 35.60 11.15 19.49
N PHE A 235 34.93 12.13 20.09
CA PHE A 235 35.52 13.43 20.38
C PHE A 235 35.89 13.47 21.86
N ALA A 236 37.18 13.61 22.15
CA ALA A 236 37.62 13.66 23.54
C ALA A 236 37.01 14.88 24.24
N VAL A 237 36.54 14.68 25.46
CA VAL A 237 35.98 15.77 26.25
C VAL A 237 37.13 16.60 26.81
N SER A 238 37.01 17.92 26.69
CA SER A 238 38.02 18.81 27.23
C SER A 238 38.06 18.72 28.76
N ASP A 239 39.24 18.98 29.32
CA ASP A 239 39.43 18.88 30.76
C ASP A 239 38.54 19.84 31.53
N ASP A 240 38.11 20.93 30.91
CA ASP A 240 37.26 21.92 31.57
C ASP A 240 35.77 21.59 31.45
N SER A 241 35.42 20.42 30.91
CA SER A 241 34.03 20.06 30.66
C SER A 241 33.67 18.69 31.26
N LYS A 242 34.48 18.17 32.16
CA LYS A 242 34.28 16.82 32.68
C LYS A 242 33.49 16.79 33.99
N GLN A 243 32.87 17.92 34.37
CA GLN A 243 32.08 17.95 35.59
C GLN A 243 30.81 17.13 35.44
N GLY A 244 30.50 16.32 36.46
CA GLY A 244 29.28 15.54 36.48
C GLY A 244 29.26 14.33 35.58
N LEU A 245 30.37 14.00 34.91
CA LEU A 245 30.40 12.91 33.96
C LEU A 245 31.01 11.66 34.58
N GLU A 246 30.55 10.50 34.11
CA GLU A 246 30.98 9.23 34.65
C GLU A 246 31.36 8.29 33.51
N GLY A 247 32.46 7.59 33.70
CA GLY A 247 32.77 6.51 32.78
C GLY A 247 33.35 7.04 31.49
N ASP A 248 33.00 6.37 30.39
CA ASP A 248 33.44 6.79 29.07
C ASP A 248 32.87 8.15 28.66
N TYR A 249 31.73 8.55 29.22
CA TYR A 249 31.19 9.88 28.94
C TYR A 249 32.08 10.99 29.49
N ALA A 250 32.88 10.70 30.51
CA ALA A 250 33.88 11.64 30.99
C ALA A 250 35.09 11.70 30.07
N LYS A 251 35.35 10.64 29.32
CA LYS A 251 36.54 10.59 28.47
C LYS A 251 36.26 11.16 27.08
N PHE A 252 35.16 10.73 26.44
CA PHE A 252 34.89 11.14 25.07
C PHE A 252 33.39 11.27 24.84
N LEU A 253 33.05 11.98 23.77
CA LEU A 253 31.69 12.04 23.24
C LEU A 253 31.68 11.29 21.92
N GLN A 254 31.00 10.14 21.90
CA GLN A 254 30.95 9.31 20.70
C GLN A 254 29.75 9.71 19.85
N VAL A 255 29.97 9.87 18.55
CA VAL A 255 28.92 10.20 17.60
C VAL A 255 28.98 9.24 16.41
N TYR A 256 27.91 9.24 15.63
CA TYR A 256 27.85 8.52 14.36
C TYR A 256 27.57 9.52 13.25
N THR A 257 28.27 9.38 12.13
CA THR A 257 28.08 10.26 10.99
C THR A 257 28.21 9.47 9.69
N THR A 258 27.33 9.78 8.74
CA THR A 258 27.41 9.21 7.41
C THR A 258 28.32 10.01 6.48
N ARG A 259 28.90 11.10 6.96
CA ARG A 259 29.77 11.96 6.15
C ARG A 259 31.09 12.21 6.87
N PRO A 260 31.89 11.16 7.11
CA PRO A 260 33.21 11.39 7.73
C PRO A 260 34.20 12.08 6.82
N ASP A 261 33.89 12.20 5.52
CA ASP A 261 34.72 13.01 4.63
C ASP A 261 34.65 14.49 4.97
N THR A 262 33.65 14.92 5.73
CA THR A 262 33.50 16.31 6.12
C THR A 262 33.83 16.53 7.60
N LEU A 263 34.51 15.57 8.23
CA LEU A 263 34.85 15.71 9.64
C LEU A 263 35.70 16.95 9.89
N MET A 264 36.52 17.34 8.92
CA MET A 264 37.32 18.56 9.04
C MET A 264 36.46 19.81 9.04
N GLY A 265 35.20 19.69 8.63
CA GLY A 265 34.27 20.82 8.58
C GLY A 265 33.29 20.90 9.72
N ALA A 266 33.45 20.08 10.77
CA ALA A 266 32.54 20.14 11.90
C ALA A 266 32.78 21.41 12.70
N THR A 267 31.71 22.17 12.93
CA THR A 267 31.79 23.43 13.67
C THR A 267 31.18 23.35 15.06
N TYR A 268 30.38 22.33 15.35
CA TYR A 268 29.84 22.07 16.68
C TYR A 268 29.30 20.66 16.70
N VAL A 269 28.90 20.21 17.89
CA VAL A 269 28.30 18.89 18.07
C VAL A 269 26.99 19.04 18.82
N ALA A 270 26.09 18.08 18.62
CA ALA A 270 24.79 18.09 19.25
C ALA A 270 24.52 16.76 19.93
N VAL A 271 23.84 16.81 21.07
CA VAL A 271 23.47 15.62 21.84
C VAL A 271 21.98 15.65 22.11
N ALA A 272 21.44 14.48 22.45
CA ALA A 272 20.04 14.37 22.80
C ALA A 272 19.81 14.89 24.23
N ALA A 273 18.53 15.09 24.56
CA ALA A 273 18.18 15.61 25.87
C ALA A 273 18.53 14.62 26.98
N GLU A 274 18.41 13.31 26.71
CA GLU A 274 18.72 12.29 27.69
C GLU A 274 20.21 11.95 27.73
N HIS A 275 21.03 12.60 26.91
CA HIS A 275 22.45 12.30 26.89
C HIS A 275 23.09 12.73 28.21
N PRO A 276 24.08 11.96 28.70
CA PRO A 276 24.74 12.34 29.96
C PRO A 276 25.41 13.70 29.92
N LEU A 277 25.93 14.12 28.76
CA LEU A 277 26.50 15.46 28.65
C LEU A 277 25.42 16.52 28.85
N ALA A 278 24.22 16.30 28.28
CA ALA A 278 23.11 17.22 28.54
C ALA A 278 22.74 17.24 30.01
N THR A 279 22.72 16.06 30.65
CA THR A 279 22.35 15.98 32.06
C THR A 279 23.36 16.72 32.94
N ALA A 280 24.66 16.58 32.63
CA ALA A 280 25.69 17.19 33.47
C ALA A 280 25.73 18.70 33.29
N ALA A 281 25.52 19.19 32.06
CA ALA A 281 25.53 20.63 31.82
C ALA A 281 24.27 21.30 32.35
N ALA A 282 23.14 20.59 32.40
CA ALA A 282 21.89 21.15 32.89
C ALA A 282 21.80 21.14 34.42
N ALA A 283 22.84 20.67 35.11
CA ALA A 283 22.75 20.55 36.56
C ALA A 283 22.59 21.90 37.24
N ASP A 284 23.27 22.93 36.74
CA ASP A 284 23.23 24.26 37.33
C ASP A 284 22.64 25.30 36.40
N LYS A 285 22.05 24.89 35.27
CA LYS A 285 21.47 25.82 34.31
C LYS A 285 19.99 25.50 34.11
N PRO A 286 19.07 26.32 34.62
CA PRO A 286 17.64 25.99 34.51
C PRO A 286 17.10 26.06 33.08
N GLU A 287 17.66 26.94 32.24
CA GLU A 287 17.22 27.00 30.85
C GLU A 287 17.46 25.68 30.14
N LEU A 288 18.57 25.00 30.46
CA LEU A 288 18.83 23.69 29.89
C LEU A 288 17.87 22.64 30.46
N GLN A 289 17.50 22.77 31.73
CA GLN A 289 16.55 21.84 32.33
C GLN A 289 15.19 21.92 31.63
N ALA A 290 14.71 23.15 31.39
CA ALA A 290 13.42 23.31 30.72
C ALA A 290 13.48 22.81 29.28
N PHE A 291 14.62 22.94 28.62
CA PHE A 291 14.75 22.41 27.26
C PHE A 291 14.77 20.89 27.25
N ILE A 292 15.37 20.27 28.27
CA ILE A 292 15.35 18.82 28.37
C ILE A 292 13.94 18.34 28.66
N ALA A 293 13.19 19.07 29.49
CA ALA A 293 11.81 18.69 29.79
C ALA A 293 10.93 18.78 28.56
N GLU A 294 11.14 19.82 27.73
CA GLU A 294 10.32 19.98 26.54
C GLU A 294 10.55 18.85 25.54
N CYS A 295 11.79 18.38 25.41
CA CYS A 295 12.08 17.31 24.47
C CYS A 295 11.46 15.99 24.92
N LYS A 296 11.45 15.73 26.23
CA LYS A 296 10.85 14.50 26.74
C LYS A 296 9.33 14.54 26.63
N ALA A 297 8.73 15.71 26.83
CA ALA A 297 7.28 15.84 26.78
C ALA A 297 6.74 15.77 25.36
N GLY A 298 7.59 15.94 24.36
CA GLY A 298 7.12 15.93 22.98
C GLY A 298 6.65 14.55 22.55
N SER A 299 5.71 14.55 21.60
CA SER A 299 5.14 13.32 21.05
C SER A 299 4.99 13.45 19.54
N VAL A 300 6.08 13.77 18.86
CA VAL A 300 6.05 13.99 17.42
C VAL A 300 5.98 12.64 16.71
N ALA A 301 5.05 12.52 15.77
CA ALA A 301 4.94 11.30 14.99
C ALA A 301 6.12 11.19 14.02
N GLU A 302 6.39 9.95 13.61
CA GLU A 302 7.51 9.70 12.70
C GLU A 302 7.32 10.43 11.37
N ALA A 303 6.08 10.46 10.86
CA ALA A 303 5.79 11.16 9.63
C ALA A 303 5.94 12.68 9.74
N ASP A 304 6.13 13.20 10.96
CA ASP A 304 6.27 14.62 11.17
C ASP A 304 7.57 15.01 11.87
N MET A 305 8.45 14.05 12.15
CA MET A 305 9.67 14.36 12.88
C MET A 305 10.58 15.29 12.11
N ALA A 306 10.56 15.22 10.77
CA ALA A 306 11.43 16.04 9.96
C ALA A 306 10.88 17.44 9.70
N THR A 307 9.58 17.63 9.89
CA THR A 307 8.95 18.92 9.62
C THR A 307 8.85 19.81 10.86
N MET A 308 9.26 19.30 12.03
CA MET A 308 9.20 20.12 13.24
C MET A 308 10.34 21.13 13.26
N GLU A 309 10.10 22.23 13.98
CA GLU A 309 11.12 23.26 14.11
C GLU A 309 12.32 22.72 14.88
N LYS A 310 13.50 22.83 14.27
CA LYS A 310 14.73 22.39 14.90
C LYS A 310 15.22 23.45 15.87
N LYS A 311 15.37 23.08 17.13
CA LYS A 311 15.78 24.01 18.18
C LYS A 311 16.88 23.39 19.01
N GLY A 312 17.77 24.24 19.54
CA GLY A 312 18.89 23.79 20.33
C GLY A 312 19.26 24.81 21.38
N VAL A 313 20.13 24.38 22.29
CA VAL A 313 20.61 25.24 23.38
C VAL A 313 22.07 24.92 23.66
N PRO A 314 22.92 25.93 23.83
CA PRO A 314 24.32 25.65 24.17
C PRO A 314 24.46 25.17 25.60
N THR A 315 25.51 24.38 25.84
CA THR A 315 25.74 23.79 27.15
C THR A 315 26.92 24.40 27.90
N GLY A 316 27.89 24.99 27.20
CA GLY A 316 29.11 25.41 27.82
C GLY A 316 30.17 24.33 27.93
N ARG A 317 29.86 23.11 27.50
CA ARG A 317 30.81 22.01 27.47
C ARG A 317 31.45 21.91 26.10
N TYR A 318 32.66 21.36 26.05
CA TYR A 318 33.45 21.35 24.83
C TYR A 318 34.06 19.98 24.60
N VAL A 319 34.26 19.64 23.32
CA VAL A 319 34.94 18.42 22.91
C VAL A 319 35.95 18.78 21.83
N VAL A 320 36.90 17.88 21.61
CA VAL A 320 38.01 18.11 20.69
C VAL A 320 37.87 17.19 19.49
N ASN A 321 37.89 17.79 18.30
CA ASN A 321 37.88 17.05 17.05
C ASN A 321 39.16 16.22 16.94
N PRO A 322 39.06 14.89 16.76
CA PRO A 322 40.28 14.06 16.75
C PRO A 322 41.15 14.27 15.51
N LEU A 323 40.63 14.89 14.45
CA LEU A 323 41.41 15.06 13.22
C LEU A 323 42.21 16.36 13.24
N ASN A 324 41.53 17.50 13.37
CA ASN A 324 42.20 18.80 13.30
C ASN A 324 42.46 19.42 14.67
N GLY A 325 41.84 18.90 15.72
CA GLY A 325 42.07 19.41 17.06
C GLY A 325 41.23 20.58 17.47
N ASP A 326 40.19 20.94 16.71
CA ASP A 326 39.34 22.06 17.09
C ASP A 326 38.53 21.73 18.34
N LYS A 327 38.29 22.77 19.14
CA LYS A 327 37.44 22.65 20.33
C LYS A 327 36.03 23.06 19.94
N LEU A 328 35.10 22.12 19.99
CA LEU A 328 33.72 22.36 19.56
C LEU A 328 32.79 22.36 20.76
N GLU A 329 31.85 23.30 20.77
CA GLU A 329 30.89 23.38 21.87
C GLU A 329 29.78 22.36 21.68
N VAL A 330 29.33 21.79 22.79
CA VAL A 330 28.25 20.81 22.78
C VAL A 330 26.92 21.54 22.89
N TRP A 331 26.00 21.20 22.01
CA TRP A 331 24.64 21.72 22.04
C TRP A 331 23.66 20.59 22.35
N ILE A 332 22.58 20.92 23.04
CA ILE A 332 21.45 20.02 23.20
C ILE A 332 20.43 20.40 22.13
N ALA A 333 20.08 19.44 21.28
CA ALA A 333 19.16 19.68 20.18
C ALA A 333 17.98 18.73 20.27
N ASN A 334 16.84 19.18 19.71
CA ASN A 334 15.62 18.39 19.78
C ASN A 334 15.53 17.34 18.67
N TYR A 335 16.25 17.52 17.56
CA TYR A 335 16.22 16.55 16.48
C TYR A 335 17.13 15.35 16.71
N VAL A 336 17.92 15.36 17.78
CA VAL A 336 18.78 14.22 18.13
C VAL A 336 18.01 13.32 19.08
N LEU A 337 17.81 12.08 18.68
CA LEU A 337 16.95 11.14 19.41
C LEU A 337 17.79 10.14 20.20
N TRP A 338 17.54 10.08 21.50
CA TRP A 338 18.16 9.05 22.32
C TRP A 338 17.66 7.68 21.88
N GLY A 339 18.60 6.76 21.68
CA GLY A 339 18.29 5.45 21.14
C GLY A 339 18.68 5.27 19.69
N TYR A 340 18.83 6.36 18.94
CA TYR A 340 19.33 6.32 17.57
C TYR A 340 20.83 6.53 17.60
N GLY A 341 21.60 5.48 17.31
CA GLY A 341 23.04 5.59 17.36
C GLY A 341 23.51 5.81 18.78
N ASP A 342 24.38 6.81 18.96
CA ASP A 342 24.91 7.16 20.27
C ASP A 342 24.10 8.24 20.97
N GLY A 343 23.00 8.70 20.37
CA GLY A 343 22.28 9.82 20.93
C GLY A 343 23.00 11.15 20.79
N ALA A 344 23.93 11.24 19.84
CA ALA A 344 24.71 12.45 19.62
C ALA A 344 25.25 12.41 18.21
N VAL A 345 25.35 13.59 17.60
CA VAL A 345 25.82 13.74 16.22
C VAL A 345 26.80 14.89 16.15
N MET A 346 27.51 14.97 15.04
CA MET A 346 28.29 16.15 14.69
C MET A 346 27.53 16.97 13.65
N ALA A 347 28.01 18.18 13.40
CA ALA A 347 27.30 19.08 12.49
C ALA A 347 28.27 19.75 11.55
N VAL A 348 28.00 19.64 10.25
CA VAL A 348 28.78 20.30 9.21
C VAL A 348 27.82 21.21 8.42
N PRO A 349 27.64 22.45 8.85
CA PRO A 349 26.61 23.30 8.22
C PRO A 349 26.86 23.60 6.75
N ALA A 350 28.11 23.48 6.27
CA ALA A 350 28.41 23.77 4.88
C ALA A 350 27.96 22.66 3.93
N HIS A 351 27.66 21.45 4.43
CA HIS A 351 27.33 20.34 3.54
C HIS A 351 26.17 19.50 4.05
N ASP A 352 25.40 20.00 5.01
CA ASP A 352 24.17 19.36 5.46
C ASP A 352 23.12 20.45 5.62
N GLU A 353 22.00 20.31 4.90
CA GLU A 353 21.02 21.40 4.87
C GLU A 353 20.40 21.63 6.23
N ARG A 354 20.15 20.55 6.99
CA ARG A 354 19.62 20.71 8.34
C ARG A 354 20.61 21.45 9.22
N ASP A 355 21.90 21.10 9.14
CA ASP A 355 22.91 21.84 9.90
C ASP A 355 23.07 23.25 9.38
N PHE A 356 22.82 23.49 8.08
CA PHE A 356 22.89 24.84 7.55
C PHE A 356 21.79 25.71 8.15
N GLU A 357 20.55 25.23 8.15
CA GLU A 357 19.46 25.99 8.74
C GLU A 357 19.66 26.15 10.25
N PHE A 358 20.20 25.13 10.91
CA PHE A 358 20.46 25.22 12.34
C PHE A 358 21.54 26.25 12.63
N ALA A 359 22.64 26.23 11.89
CA ALA A 359 23.71 27.19 12.12
C ALA A 359 23.28 28.60 11.75
N ALA A 360 22.53 28.76 10.65
CA ALA A 360 22.04 30.08 10.28
C ALA A 360 21.11 30.64 11.34
N LYS A 361 20.37 29.78 12.04
CA LYS A 361 19.46 30.24 13.08
C LYS A 361 20.23 30.80 14.27
N TYR A 362 21.33 30.16 14.64
CA TYR A 362 22.09 30.54 15.83
C TYR A 362 23.42 31.20 15.49
N ASN A 363 23.65 31.54 14.22
CA ASN A 363 24.89 32.18 13.77
C ASN A 363 26.11 31.33 14.13
N LEU A 364 25.96 30.01 14.01
CA LEU A 364 27.08 29.10 14.23
C LEU A 364 27.95 29.04 12.98
N PRO A 365 29.24 28.74 13.14
CA PRO A 365 30.16 28.82 12.00
C PRO A 365 29.86 27.77 10.93
N LYS A 366 30.30 28.08 9.71
CA LYS A 366 30.20 27.18 8.57
C LYS A 366 31.56 27.10 7.89
N LYS A 367 32.09 25.89 7.76
CA LYS A 367 33.40 25.66 7.16
C LYS A 367 33.23 24.79 5.93
N GLN A 368 33.51 25.36 4.76
CA GLN A 368 33.45 24.59 3.52
C GLN A 368 34.63 23.64 3.45
N VAL A 369 34.36 22.34 3.30
CA VAL A 369 35.39 21.34 3.10
C VAL A 369 35.18 20.51 1.85
N ILE A 370 34.12 20.77 1.08
CA ILE A 370 33.85 20.06 -0.17
C ILE A 370 33.70 21.11 -1.28
N ALA A 371 34.33 20.82 -2.42
CA ALA A 371 34.21 21.66 -3.60
C ALA A 371 33.74 20.82 -4.78
N VAL A 372 32.89 21.42 -5.62
CA VAL A 372 32.38 20.76 -6.81
C VAL A 372 32.60 21.70 -7.99
N GLY A 373 33.60 21.39 -8.81
CA GLY A 373 33.92 22.23 -9.95
C GLY A 373 34.36 23.61 -9.52
N ASP A 374 34.03 24.60 -10.35
CA ASP A 374 34.28 26.00 -10.05
C ASP A 374 33.07 26.68 -9.43
N ASN A 375 32.14 25.91 -8.87
CA ASN A 375 30.98 26.49 -8.21
C ASN A 375 31.41 27.30 -7.00
N ALA A 376 30.96 28.55 -6.93
CA ALA A 376 31.28 29.41 -5.81
C ALA A 376 30.50 28.98 -4.57
N PHE A 377 31.14 29.13 -3.41
CA PHE A 377 30.53 28.78 -2.13
C PHE A 377 30.08 30.04 -1.41
N ASP A 378 28.81 30.06 -0.99
CA ASP A 378 28.25 31.18 -0.25
C ASP A 378 27.82 30.67 1.13
N ALA A 379 28.36 31.28 2.18
CA ALA A 379 28.04 30.85 3.54
C ALA A 379 26.65 31.31 3.97
N ASN A 380 26.05 32.26 3.26
CA ASN A 380 24.76 32.82 3.64
C ASN A 380 23.59 32.24 2.86
N ARG A 381 23.86 31.44 1.82
CA ARG A 381 22.79 30.86 1.00
C ARG A 381 23.12 29.40 0.71
N TRP A 382 22.18 28.52 0.99
CA TRP A 382 22.36 27.10 0.71
C TRP A 382 22.13 26.81 -0.78
N GLN A 383 22.99 25.96 -1.34
CA GLN A 383 22.84 25.47 -2.70
C GLN A 383 22.88 23.94 -2.66
N GLU A 384 22.26 23.32 -3.66
CA GLU A 384 22.10 21.87 -3.63
C GLU A 384 23.43 21.15 -3.79
N TRP A 385 24.39 21.75 -4.50
CA TRP A 385 25.68 21.09 -4.68
C TRP A 385 26.48 21.01 -3.38
N TYR A 386 26.07 21.73 -2.33
CA TYR A 386 26.77 21.65 -1.05
C TYR A 386 26.79 20.22 -0.52
N GLY A 387 25.75 19.45 -0.78
CA GLY A 387 25.64 18.09 -0.29
C GLY A 387 26.01 16.99 -1.26
N ASP A 388 26.65 17.33 -2.38
CA ASP A 388 27.00 16.33 -3.39
C ASP A 388 28.03 15.36 -2.84
N LYS A 389 27.68 14.08 -2.82
CA LYS A 389 28.64 13.04 -2.44
C LYS A 389 29.38 12.45 -3.63
N GLU A 390 28.83 12.56 -4.83
CA GLU A 390 29.36 11.85 -5.99
C GLU A 390 30.47 12.60 -6.71
N ASN A 391 30.36 13.92 -6.83
CA ASN A 391 31.26 14.70 -7.67
C ASN A 391 31.92 15.82 -6.88
N GLY A 392 32.38 15.52 -5.67
CA GLY A 392 33.03 16.51 -4.82
C GLY A 392 34.41 16.05 -4.40
N VAL A 393 35.30 17.02 -4.24
CA VAL A 393 36.64 16.77 -3.72
C VAL A 393 36.86 17.66 -2.50
N LEU A 394 37.69 17.19 -1.59
CA LEU A 394 37.87 17.85 -0.30
C LEU A 394 38.76 19.08 -0.43
N VAL A 395 38.43 20.11 0.35
CA VAL A 395 39.25 21.32 0.47
C VAL A 395 39.32 21.68 1.94
N ASN A 396 40.34 22.45 2.30
CA ASN A 396 40.53 22.92 3.68
C ASN A 396 40.55 21.76 4.67
N SER A 397 41.13 20.63 4.25
CA SER A 397 41.11 19.41 5.04
C SER A 397 42.53 18.86 5.25
N GLY A 398 43.53 19.72 5.19
CA GLY A 398 44.90 19.26 5.39
C GLY A 398 45.33 18.31 4.29
N ASP A 399 45.79 17.14 4.70
CA ASP A 399 46.28 16.14 3.75
C ASP A 399 45.15 15.42 3.02
N LEU A 400 43.89 15.70 3.37
CA LEU A 400 42.73 15.09 2.73
C LEU A 400 42.27 15.84 1.49
N ASP A 401 42.87 16.99 1.18
CA ASP A 401 42.43 17.80 0.06
C ASP A 401 42.62 17.04 -1.26
N GLY A 402 41.67 17.25 -2.18
CA GLY A 402 41.71 16.63 -3.49
C GLY A 402 41.07 15.26 -3.55
N LEU A 403 40.82 14.62 -2.43
CA LEU A 403 40.24 13.29 -2.41
C LEU A 403 38.75 13.33 -2.69
N ASP A 404 38.24 12.30 -3.34
CA ASP A 404 36.81 12.18 -3.57
C ASP A 404 36.14 11.64 -2.30
N PHE A 405 34.87 11.28 -2.39
CA PHE A 405 34.12 10.87 -1.20
C PHE A 405 34.64 9.54 -0.64
N GLN A 406 34.75 8.52 -1.49
CA GLN A 406 35.02 7.18 -0.97
C GLN A 406 36.45 7.05 -0.46
N THR A 407 37.41 7.67 -1.16
CA THR A 407 38.80 7.58 -0.70
C THR A 407 39.04 8.42 0.55
N ALA A 408 38.34 9.55 0.69
CA ALA A 408 38.42 10.30 1.93
C ALA A 408 37.77 9.54 3.07
N PHE A 409 36.67 8.84 2.80
CA PHE A 409 36.04 7.98 3.80
C PHE A 409 37.04 6.97 4.34
N ASP A 410 37.76 6.28 3.44
CA ASP A 410 38.72 5.28 3.86
C ASP A 410 39.93 5.91 4.56
N ALA A 411 40.34 7.10 4.12
CA ALA A 411 41.46 7.77 4.76
C ALA A 411 41.10 8.23 6.17
N VAL A 412 39.88 8.71 6.37
CA VAL A 412 39.44 9.10 7.71
C VAL A 412 39.35 7.88 8.61
N ALA A 413 38.86 6.75 8.07
CA ALA A 413 38.81 5.53 8.86
C ALA A 413 40.21 5.08 9.30
N ALA A 414 41.20 5.24 8.42
CA ALA A 414 42.56 4.84 8.76
C ALA A 414 43.12 5.71 9.88
N LYS A 415 42.92 7.02 9.80
CA LYS A 415 43.42 7.93 10.83
C LYS A 415 42.71 7.68 12.16
N LEU A 416 41.39 7.52 12.13
CA LEU A 416 40.63 7.33 13.37
C LEU A 416 40.99 6.02 14.05
N GLN A 417 41.11 4.93 13.28
CA GLN A 417 41.44 3.65 13.88
C GLN A 417 42.87 3.64 14.40
N SER A 418 43.76 4.43 13.79
CA SER A 418 45.13 4.51 14.30
C SER A 418 45.17 5.16 15.67
N GLN A 419 44.38 6.20 15.88
CA GLN A 419 44.30 6.85 17.19
C GLN A 419 43.36 6.12 18.15
N GLY A 420 42.65 5.10 17.68
CA GLY A 420 41.61 4.50 18.50
C GLY A 420 40.40 5.39 18.71
N ALA A 421 40.18 6.38 17.84
CA ALA A 421 39.12 7.35 18.02
C ALA A 421 37.94 7.16 17.08
N GLY A 422 37.92 6.08 16.29
CA GLY A 422 36.80 5.86 15.39
C GLY A 422 37.00 4.59 14.60
N GLU A 423 35.91 4.17 13.96
CA GLU A 423 35.90 2.96 13.15
C GLU A 423 34.64 2.96 12.29
N PRO A 424 34.67 2.33 11.12
CA PRO A 424 33.46 2.24 10.30
C PRO A 424 32.34 1.52 11.03
N LYS A 425 31.10 1.89 10.70
CA LYS A 425 29.93 1.42 11.41
C LYS A 425 28.72 1.45 10.50
N THR A 426 27.90 0.41 10.56
CA THR A 426 26.68 0.31 9.78
C THR A 426 25.48 0.50 10.70
N GLN A 427 24.55 1.35 10.29
CA GLN A 427 23.38 1.68 11.09
C GLN A 427 22.12 1.57 10.26
N TYR A 428 20.99 1.49 10.96
CA TYR A 428 19.67 1.43 10.36
C TYR A 428 18.72 2.35 11.11
N ARG A 429 17.90 3.10 10.38
CA ARG A 429 16.83 3.85 11.02
C ARG A 429 15.74 2.94 11.58
N LEU A 430 15.65 1.72 11.07
CA LEU A 430 14.58 0.81 11.46
C LEU A 430 14.63 0.51 12.94
N ARG A 431 13.48 0.62 13.60
CA ARG A 431 13.31 0.25 15.00
C ARG A 431 12.68 -1.12 15.10
N ASP A 432 12.78 -1.73 16.28
CA ASP A 432 12.10 -2.98 16.53
C ASP A 432 10.59 -2.76 16.57
N TRP A 433 9.85 -3.83 16.28
CA TRP A 433 8.41 -3.76 16.12
C TRP A 433 7.73 -3.99 17.46
N GLY A 434 7.14 -2.93 18.02
CA GLY A 434 6.35 -3.07 19.24
C GLY A 434 4.95 -3.55 18.92
N ILE A 435 4.52 -4.63 19.57
CA ILE A 435 3.25 -5.27 19.25
C ILE A 435 2.30 -5.30 20.43
N SER A 436 2.70 -4.81 21.60
CA SER A 436 1.81 -4.78 22.75
C SER A 436 0.80 -3.66 22.60
N ARG A 437 -0.48 -4.01 22.75
CA ARG A 437 -1.56 -3.04 22.68
C ARG A 437 -2.40 -3.13 23.93
N GLN A 438 -2.65 -1.99 24.56
CA GLN A 438 -3.45 -1.96 25.79
C GLN A 438 -4.92 -1.83 25.43
N ARG A 439 -5.41 -2.74 24.59
CA ARG A 439 -6.80 -2.77 24.14
C ARG A 439 -7.38 -4.16 24.38
N TYR A 440 -8.71 -4.24 24.34
CA TYR A 440 -9.40 -5.51 24.52
C TYR A 440 -9.57 -6.28 23.20
N TRP A 441 -10.19 -5.64 22.21
CA TRP A 441 -10.56 -6.34 20.99
C TRP A 441 -9.34 -6.63 20.12
N GLY A 442 -8.53 -7.58 20.54
CA GLY A 442 -7.34 -7.97 19.81
C GLY A 442 -6.89 -9.35 20.25
N CYS A 443 -5.91 -9.88 19.53
CA CYS A 443 -5.41 -11.22 19.82
C CYS A 443 -4.68 -11.24 21.15
N PRO A 444 -5.07 -12.10 22.10
CA PRO A 444 -4.35 -12.17 23.37
C PRO A 444 -2.91 -12.64 23.19
N ILE A 445 -2.01 -12.05 23.97
CA ILE A 445 -0.60 -12.43 23.96
C ILE A 445 -0.44 -13.70 24.79
N PRO A 446 0.09 -14.78 24.21
CA PRO A 446 0.12 -16.09 24.90
C PRO A 446 1.26 -16.19 25.91
N ILE A 447 1.24 -15.30 26.90
CA ILE A 447 2.25 -15.25 27.95
C ILE A 447 1.56 -15.33 29.30
N VAL A 448 2.09 -16.16 30.20
CA VAL A 448 1.64 -16.27 31.57
C VAL A 448 2.77 -15.80 32.48
N HIS A 449 2.45 -14.90 33.42
CA HIS A 449 3.43 -14.34 34.32
C HIS A 449 3.40 -15.10 35.64
N CYS A 450 4.52 -15.70 36.01
CA CYS A 450 4.67 -16.42 37.26
C CYS A 450 5.89 -15.89 37.99
N GLU A 451 5.74 -15.68 39.31
CA GLU A 451 6.84 -15.13 40.09
C GLU A 451 7.98 -16.12 40.29
N LYS A 452 7.77 -17.40 39.99
CA LYS A 452 8.84 -18.39 40.06
C LYS A 452 9.48 -18.65 38.71
N CYS A 453 8.67 -18.75 37.65
CA CYS A 453 9.15 -19.12 36.33
C CYS A 453 9.34 -17.93 35.39
N GLY A 454 8.86 -16.75 35.76
CA GLY A 454 9.00 -15.58 34.91
C GLY A 454 7.90 -15.48 33.86
N ASN A 455 8.24 -14.86 32.74
CA ASN A 455 7.33 -14.74 31.61
C ASN A 455 7.39 -16.04 30.82
N VAL A 456 6.33 -16.83 30.88
CA VAL A 456 6.30 -18.18 30.32
C VAL A 456 5.34 -18.18 29.13
N PRO A 457 5.76 -18.69 27.97
CA PRO A 457 4.81 -18.83 26.86
C PRO A 457 3.83 -19.96 27.11
N VAL A 458 2.60 -19.75 26.65
CA VAL A 458 1.57 -20.78 26.76
C VAL A 458 1.97 -21.98 25.89
N PRO A 459 1.88 -23.20 26.41
CA PRO A 459 2.27 -24.37 25.61
C PRO A 459 1.42 -24.50 24.35
N ALA A 460 1.94 -25.30 23.41
CA ALA A 460 1.25 -25.47 22.14
C ALA A 460 -0.09 -26.19 22.30
N ASP A 461 -0.20 -27.10 23.27
CA ASP A 461 -1.46 -27.81 23.47
C ASP A 461 -2.56 -26.88 23.96
N GLN A 462 -2.21 -25.89 24.78
CA GLN A 462 -3.19 -24.99 25.37
C GLN A 462 -3.56 -23.83 24.46
N LEU A 463 -3.01 -23.76 23.26
CA LEU A 463 -3.41 -22.69 22.35
C LEU A 463 -4.68 -23.08 21.62
N PRO A 464 -5.58 -22.11 21.36
CA PRO A 464 -5.42 -20.68 21.64
C PRO A 464 -5.69 -20.24 23.08
N VAL A 465 -5.17 -19.07 23.44
CA VAL A 465 -5.66 -18.32 24.60
C VAL A 465 -6.88 -17.53 24.10
N VAL A 466 -8.07 -18.01 24.43
CA VAL A 466 -9.29 -17.48 23.83
C VAL A 466 -9.63 -16.12 24.43
N LEU A 467 -9.74 -15.12 23.58
CA LEU A 467 -10.29 -13.84 23.99
C LEU A 467 -11.77 -14.01 24.28
N PRO A 468 -12.24 -13.70 25.49
CA PRO A 468 -13.68 -13.82 25.77
C PRO A 468 -14.45 -12.78 24.97
N GLU A 469 -15.47 -13.25 24.24
CA GLU A 469 -16.30 -12.34 23.45
C GLU A 469 -17.40 -11.69 24.26
N ASN A 470 -17.67 -12.17 25.48
CA ASN A 470 -18.74 -11.65 26.31
C ASN A 470 -18.25 -10.45 27.12
N VAL A 471 -17.86 -9.40 26.40
CA VAL A 471 -17.31 -8.18 26.99
C VAL A 471 -17.93 -6.99 26.28
N VAL A 472 -18.26 -5.95 27.06
CA VAL A 472 -18.66 -4.66 26.50
C VAL A 472 -17.78 -3.59 27.12
N PRO A 473 -16.77 -3.09 26.42
CA PRO A 473 -15.88 -2.09 27.01
C PRO A 473 -16.61 -0.80 27.32
N ASP A 474 -16.25 -0.19 28.45
CA ASP A 474 -16.92 1.02 28.93
C ASP A 474 -16.11 2.29 28.72
N GLY A 475 -14.79 2.19 28.58
CA GLY A 475 -13.96 3.36 28.45
C GLY A 475 -13.21 3.78 29.70
N MET A 476 -13.17 2.93 30.72
CA MET A 476 -12.39 3.20 31.92
C MET A 476 -11.28 2.16 32.06
N GLY A 477 -10.41 2.09 31.06
CA GLY A 477 -9.37 1.07 31.04
C GLY A 477 -9.83 -0.17 30.30
N SER A 478 -8.86 -0.85 29.68
CA SER A 478 -9.18 -2.04 28.91
C SER A 478 -9.75 -3.12 29.83
N PRO A 479 -10.79 -3.83 29.41
CA PRO A 479 -11.47 -4.76 30.33
C PRO A 479 -10.61 -5.94 30.76
N LEU A 480 -9.65 -6.36 29.94
CA LEU A 480 -8.86 -7.55 30.27
C LEU A 480 -8.11 -7.38 31.58
N ALA A 481 -7.66 -6.17 31.89
CA ALA A 481 -7.02 -5.90 33.17
C ALA A 481 -7.99 -5.88 34.34
N LYS A 482 -9.29 -5.74 34.07
CA LYS A 482 -10.31 -5.71 35.11
C LYS A 482 -11.09 -7.03 35.21
N MET A 483 -10.61 -8.08 34.55
CA MET A 483 -11.32 -9.36 34.50
C MET A 483 -10.46 -10.45 35.13
N PRO A 484 -10.55 -10.66 36.44
CA PRO A 484 -9.78 -11.75 37.06
C PRO A 484 -10.14 -13.12 36.52
N GLU A 485 -11.40 -13.32 36.10
CA GLU A 485 -11.80 -14.61 35.55
C GLU A 485 -11.00 -14.98 34.30
N PHE A 486 -10.33 -14.00 33.68
CA PHE A 486 -9.51 -14.24 32.51
C PHE A 486 -8.02 -14.34 32.85
N TYR A 487 -7.47 -13.38 33.58
CA TYR A 487 -6.02 -13.37 33.76
C TYR A 487 -5.55 -14.26 34.90
N GLU A 488 -6.39 -14.50 35.91
CA GLU A 488 -6.01 -15.42 36.98
C GLU A 488 -5.98 -16.84 36.44
N THR A 489 -4.82 -17.49 36.54
CA THR A 489 -4.65 -18.83 36.02
C THR A 489 -3.54 -19.53 36.81
N SER A 490 -3.12 -20.69 36.35
CA SER A 490 -1.99 -21.41 36.92
C SER A 490 -0.83 -21.42 35.95
N CYS A 491 0.38 -21.42 36.48
CA CYS A 491 1.55 -21.41 35.63
C CYS A 491 1.69 -22.75 34.91
N PRO A 492 1.82 -22.75 33.58
CA PRO A 492 1.96 -24.03 32.86
C PRO A 492 3.27 -24.75 33.12
N CYS A 493 4.24 -24.11 33.76
CA CYS A 493 5.52 -24.73 34.11
C CYS A 493 5.52 -25.34 35.50
N CYS A 494 4.94 -24.67 36.50
CA CYS A 494 4.96 -25.18 37.86
C CYS A 494 3.58 -25.43 38.46
N GLY A 495 2.51 -24.95 37.84
CA GLY A 495 1.17 -25.13 38.36
C GLY A 495 0.77 -24.19 39.47
N GLY A 496 1.61 -23.20 39.81
CA GLY A 496 1.30 -22.27 40.87
C GLY A 496 0.48 -21.09 40.38
N ALA A 497 0.10 -20.23 41.34
CA ALA A 497 -0.69 -19.05 41.02
C ALA A 497 0.07 -18.15 40.05
N ALA A 498 -0.61 -17.72 39.00
CA ALA A 498 0.02 -16.91 37.97
C ALA A 498 -1.05 -16.07 37.28
N LYS A 499 -0.61 -15.11 36.48
CA LYS A 499 -1.50 -14.19 35.79
C LYS A 499 -1.16 -14.15 34.31
N ARG A 500 -2.21 -14.18 33.48
CA ARG A 500 -2.02 -14.06 32.03
C ARG A 500 -1.65 -12.64 31.65
N GLU A 501 -0.94 -12.52 30.53
CA GLU A 501 -0.74 -11.21 29.93
C GLU A 501 -2.09 -10.63 29.50
N THR A 502 -2.32 -9.36 29.82
CA THR A 502 -3.59 -8.71 29.49
C THR A 502 -3.51 -7.84 28.24
N ASP A 503 -2.32 -7.49 27.79
CA ASP A 503 -2.19 -6.75 26.54
C ASP A 503 -2.49 -7.67 25.35
N THR A 504 -3.00 -7.06 24.28
CA THR A 504 -3.30 -7.77 23.05
C THR A 504 -2.31 -7.40 21.97
N MET A 505 -2.35 -8.14 20.87
CA MET A 505 -1.37 -7.98 19.80
C MET A 505 -1.75 -6.83 18.87
N ASP A 506 -0.72 -6.20 18.32
CA ASP A 506 -0.90 -5.23 17.25
C ASP A 506 -1.67 -5.88 16.10
N THR A 507 -2.75 -5.24 15.67
CA THR A 507 -3.62 -5.82 14.65
C THR A 507 -2.95 -5.97 13.30
N PHE A 508 -1.80 -5.32 13.08
CA PHE A 508 -1.02 -5.59 11.88
C PHE A 508 -0.53 -7.03 11.81
N ILE A 509 -0.50 -7.74 12.95
CA ILE A 509 -0.01 -9.11 12.94
C ILE A 509 -0.94 -10.01 12.13
N GLU A 510 -2.25 -9.83 12.27
CA GLU A 510 -3.19 -10.64 11.50
C GLU A 510 -3.02 -10.41 9.99
N SER A 511 -2.85 -9.16 9.59
CA SER A 511 -2.68 -8.84 8.17
C SER A 511 -1.30 -9.21 7.63
N SER A 512 -0.39 -9.68 8.48
CA SER A 512 0.97 -10.00 8.05
C SER A 512 1.12 -11.44 7.55
N TRP A 513 0.10 -12.28 7.70
CA TRP A 513 0.21 -13.67 7.27
C TRP A 513 -1.08 -14.26 6.72
N TYR A 514 -2.14 -13.47 6.57
CA TYR A 514 -3.43 -14.02 6.15
C TYR A 514 -3.38 -14.59 4.74
N PHE A 515 -2.47 -14.08 3.90
CA PHE A 515 -2.34 -14.60 2.54
C PHE A 515 -1.85 -16.05 2.53
N PHE A 516 -1.12 -16.46 3.57
CA PHE A 516 -0.73 -17.86 3.69
C PHE A 516 -1.85 -18.72 4.25
N ARG A 517 -2.66 -18.17 5.15
CA ARG A 517 -3.77 -18.93 5.72
C ARG A 517 -4.82 -19.26 4.67
N TYR A 518 -4.97 -18.41 3.66
CA TYR A 518 -5.94 -18.67 2.59
C TYR A 518 -5.67 -20.00 1.88
N MET A 519 -4.40 -20.43 1.85
CA MET A 519 -4.05 -21.66 1.14
C MET A 519 -4.64 -22.89 1.80
N SER A 520 -4.81 -22.86 3.13
CA SER A 520 -5.43 -23.96 3.86
C SER A 520 -6.14 -23.38 5.08
N PRO A 521 -7.29 -22.71 4.86
CA PRO A 521 -7.94 -21.99 5.97
C PRO A 521 -8.52 -22.89 7.05
N LYS A 522 -8.80 -24.16 6.75
CA LYS A 522 -9.34 -25.08 7.74
C LYS A 522 -8.28 -26.03 8.28
N PHE A 523 -7.01 -25.77 8.04
CA PHE A 523 -5.93 -26.62 8.51
C PHE A 523 -5.71 -26.39 10.00
N SER A 524 -5.85 -27.45 10.79
CA SER A 524 -5.82 -27.35 12.25
C SER A 524 -4.53 -27.89 12.86
N ASP A 525 -3.53 -28.18 12.05
CA ASP A 525 -2.25 -28.69 12.54
C ASP A 525 -1.10 -27.70 12.35
N GLY A 526 -1.38 -26.51 11.83
CA GLY A 526 -0.33 -25.52 11.62
C GLY A 526 -0.91 -24.28 10.99
N MET A 527 -0.02 -23.30 10.77
CA MET A 527 -0.45 -22.04 10.15
C MET A 527 -0.94 -22.27 8.73
N VAL A 528 -0.22 -23.08 7.96
CA VAL A 528 -0.60 -23.43 6.59
C VAL A 528 -0.04 -24.80 6.29
N SER A 529 -0.86 -25.64 5.65
CA SER A 529 -0.42 -27.00 5.34
C SER A 529 0.73 -26.96 4.33
N ALA A 530 1.65 -27.92 4.48
CA ALA A 530 2.80 -27.98 3.60
C ALA A 530 2.39 -28.25 2.15
N GLU A 531 1.30 -29.00 1.95
CA GLU A 531 0.85 -29.29 0.58
C GLU A 531 0.31 -28.04 -0.10
N SER A 532 -0.44 -27.22 0.63
CA SER A 532 -1.05 -26.04 0.02
C SER A 532 -0.02 -24.97 -0.25
N ALA A 533 0.90 -24.72 0.69
CA ALA A 533 1.94 -23.72 0.48
C ALA A 533 2.85 -24.09 -0.68
N LYS A 534 3.08 -25.39 -0.88
CA LYS A 534 3.93 -25.83 -1.98
C LYS A 534 3.25 -25.62 -3.32
N TYR A 535 1.92 -25.75 -3.38
CA TYR A 535 1.20 -25.58 -4.64
C TYR A 535 1.04 -24.11 -4.99
N TRP A 536 0.53 -23.30 -4.04
CA TRP A 536 0.25 -21.91 -4.31
C TRP A 536 1.49 -21.02 -4.23
N GLY A 537 2.52 -21.45 -3.50
CA GLY A 537 3.75 -20.70 -3.41
C GLY A 537 3.59 -19.30 -2.84
N ALA A 538 3.58 -18.30 -3.73
CA ALA A 538 3.43 -16.91 -3.34
C ALA A 538 2.22 -16.30 -4.04
N VAL A 539 1.88 -15.08 -3.65
CA VAL A 539 0.81 -14.34 -4.29
C VAL A 539 1.33 -13.79 -5.61
N ASP A 540 0.60 -14.03 -6.70
CA ASP A 540 1.03 -13.57 -8.01
C ASP A 540 0.71 -12.09 -8.21
N GLN A 541 -0.42 -11.63 -7.68
CA GLN A 541 -0.87 -10.26 -7.86
C GLN A 541 -1.49 -9.76 -6.56
N TYR A 542 -0.97 -8.65 -6.05
CA TYR A 542 -1.47 -8.03 -4.83
C TYR A 542 -2.02 -6.65 -5.18
N ILE A 543 -3.23 -6.36 -4.72
CA ILE A 543 -3.91 -5.09 -5.00
C ILE A 543 -4.36 -4.49 -3.68
N GLY A 544 -4.05 -3.21 -3.47
CA GLY A 544 -4.45 -2.54 -2.25
C GLY A 544 -4.07 -1.08 -2.27
N GLY A 545 -4.51 -0.38 -1.24
CA GLY A 545 -4.29 1.06 -1.18
C GLY A 545 -2.85 1.42 -0.90
N ILE A 546 -2.45 2.58 -1.42
CA ILE A 546 -1.08 3.05 -1.29
C ILE A 546 -0.70 3.36 0.14
N GLU A 547 -1.68 3.61 1.02
CA GLU A 547 -1.36 3.94 2.41
C GLU A 547 -0.74 2.77 3.17
N HIS A 548 -0.76 1.56 2.61
CA HIS A 548 -0.16 0.40 3.24
C HIS A 548 1.20 0.06 2.66
N ALA A 549 1.82 0.98 1.91
CA ALA A 549 3.05 0.68 1.19
C ALA A 549 4.25 0.51 2.11
N ILE A 550 4.17 0.96 3.36
CA ILE A 550 5.33 0.93 4.24
C ILE A 550 5.16 -0.13 5.33
N LEU A 551 4.27 0.15 6.29
CA LEU A 551 4.17 -0.71 7.48
C LEU A 551 3.65 -2.10 7.12
N HIS A 552 2.48 -2.17 6.48
CA HIS A 552 1.86 -3.47 6.24
C HIS A 552 2.74 -4.36 5.36
N LEU A 553 3.22 -3.82 4.23
CA LEU A 553 4.01 -4.63 3.32
C LEU A 553 5.32 -5.09 3.96
N LEU A 554 5.96 -4.20 4.74
CA LEU A 554 7.17 -4.59 5.45
C LEU A 554 6.89 -5.70 6.46
N TYR A 555 5.78 -5.57 7.21
CA TYR A 555 5.42 -6.60 8.18
C TYR A 555 5.13 -7.93 7.48
N ALA A 556 4.45 -7.87 6.33
CA ALA A 556 4.15 -9.10 5.59
C ALA A 556 5.42 -9.75 5.06
N ARG A 557 6.34 -8.94 4.54
CA ARG A 557 7.62 -9.49 4.09
C ARG A 557 8.40 -10.05 5.27
N PHE A 558 8.34 -9.38 6.42
CA PHE A 558 9.01 -9.88 7.62
C PHE A 558 8.43 -11.22 8.05
N PHE A 559 7.10 -11.33 8.09
CA PHE A 559 6.46 -12.57 8.52
C PHE A 559 6.72 -13.70 7.54
N THR A 560 6.81 -13.40 6.24
CA THR A 560 7.09 -14.43 5.25
C THR A 560 8.46 -15.06 5.50
N LYS A 561 9.45 -14.24 5.83
CA LYS A 561 10.79 -14.78 6.11
C LYS A 561 10.84 -15.48 7.45
N LEU A 562 10.06 -15.02 8.44
CA LEU A 562 9.98 -15.73 9.71
C LEU A 562 9.35 -17.09 9.53
N MET A 563 8.24 -17.18 8.78
CA MET A 563 7.60 -18.47 8.54
C MET A 563 8.46 -19.36 7.66
N ARG A 564 9.22 -18.77 6.73
CA ARG A 564 10.12 -19.55 5.89
C ARG A 564 11.22 -20.20 6.72
N ASP A 565 11.80 -19.44 7.67
CA ASP A 565 12.86 -20.01 8.50
C ASP A 565 12.33 -21.04 9.49
N GLU A 566 11.02 -21.04 9.76
CA GLU A 566 10.42 -22.09 10.56
C GLU A 566 10.11 -23.34 9.74
N GLY A 567 10.29 -23.30 8.42
CA GLY A 567 10.00 -24.44 7.58
C GLY A 567 8.56 -24.56 7.14
N LEU A 568 7.77 -23.49 7.25
CA LEU A 568 6.35 -23.54 6.90
C LEU A 568 6.10 -23.18 5.44
N VAL A 569 6.88 -22.25 4.87
CA VAL A 569 6.70 -21.83 3.49
C VAL A 569 8.05 -21.87 2.78
N ASN A 570 8.00 -21.79 1.45
CA ASN A 570 9.16 -21.97 0.60
C ASN A 570 9.71 -20.68 0.01
N VAL A 571 8.89 -19.65 -0.12
CA VAL A 571 9.27 -18.44 -0.83
C VAL A 571 9.96 -17.49 0.13
N ASP A 572 10.68 -16.51 -0.46
CA ASP A 572 11.29 -15.43 0.30
C ASP A 572 10.45 -14.15 0.30
N GLU A 573 9.53 -13.99 -0.65
CA GLU A 573 8.71 -12.81 -0.79
C GLU A 573 7.26 -13.20 -0.98
N PRO A 574 6.33 -12.51 -0.31
CA PRO A 574 4.92 -12.90 -0.40
C PRO A 574 4.22 -12.45 -1.67
N PHE A 575 4.62 -11.31 -2.24
CA PHE A 575 3.88 -10.67 -3.33
C PHE A 575 4.81 -10.41 -4.51
N GLU A 576 4.51 -11.05 -5.65
CA GLU A 576 5.29 -10.85 -6.86
C GLU A 576 4.95 -9.51 -7.52
N ARG A 577 3.70 -9.35 -7.97
CA ARG A 577 3.24 -8.12 -8.58
CA ARG A 577 3.23 -8.12 -8.58
C ARG A 577 2.39 -7.34 -7.58
N LEU A 578 2.63 -6.03 -7.50
CA LEU A 578 1.91 -5.16 -6.58
C LEU A 578 1.23 -4.04 -7.35
N LEU A 579 -0.08 -3.92 -7.18
CA LEU A 579 -0.86 -2.83 -7.76
C LEU A 579 -1.40 -1.97 -6.62
N THR A 580 -0.95 -0.72 -6.56
CA THR A 580 -1.39 0.22 -5.55
C THR A 580 -2.41 1.17 -6.17
N GLN A 581 -3.61 1.21 -5.60
CA GLN A 581 -4.68 2.03 -6.15
C GLN A 581 -4.73 3.39 -5.45
N GLY A 582 -5.31 4.36 -6.14
CA GLY A 582 -5.50 5.69 -5.59
C GLY A 582 -6.74 5.76 -4.70
N MET A 583 -7.02 6.97 -4.24
CA MET A 583 -8.17 7.22 -3.40
C MET A 583 -9.38 7.64 -4.24
N VAL A 584 -10.54 7.62 -3.60
CA VAL A 584 -11.79 8.03 -4.23
C VAL A 584 -12.22 9.36 -3.59
N VAL A 585 -12.34 10.39 -4.41
CA VAL A 585 -12.66 11.73 -3.93
C VAL A 585 -14.06 12.10 -4.37
N CYS A 586 -14.63 13.11 -3.69
CA CYS A 586 -15.97 13.57 -4.01
C CYS A 586 -16.14 15.00 -3.52
N GLU A 587 -17.14 15.68 -4.07
CA GLU A 587 -17.46 17.04 -3.69
C GLU A 587 -17.99 17.10 -2.27
N THR A 588 -17.88 18.28 -1.66
CA THR A 588 -18.39 18.52 -0.32
C THR A 588 -19.40 19.65 -0.36
N TYR A 589 -20.38 19.59 0.54
CA TYR A 589 -21.46 20.55 0.62
C TYR A 589 -21.68 20.94 2.07
N TYR A 590 -22.16 22.18 2.27
CA TYR A 590 -22.35 22.65 3.64
C TYR A 590 -23.32 23.82 3.67
N ARG A 591 -23.99 23.97 4.81
CA ARG A 591 -24.71 25.18 5.17
C ARG A 591 -23.99 25.84 6.34
N GLU A 592 -23.98 27.17 6.35
CA GLU A 592 -23.26 27.88 7.40
C GLU A 592 -23.99 27.77 8.73
N ASN A 593 -23.20 27.89 9.81
CA ASN A 593 -23.62 27.46 11.13
C ASN A 593 -24.25 28.60 11.93
N ASP A 594 -24.74 28.27 13.13
CA ASP A 594 -25.29 29.27 14.03
C ASP A 594 -24.21 30.19 14.58
N LYS A 595 -23.01 29.66 14.81
CA LYS A 595 -21.95 30.45 15.42
C LYS A 595 -20.73 30.58 14.49
N GLY A 596 -20.97 30.97 13.24
CA GLY A 596 -19.90 31.18 12.30
C GLY A 596 -19.08 29.94 12.00
N GLY A 597 -19.72 28.94 11.39
CA GLY A 597 -19.04 27.71 11.04
C GLY A 597 -19.66 27.03 9.83
N LYS A 598 -19.38 25.73 9.66
CA LYS A 598 -19.90 24.98 8.53
C LYS A 598 -20.43 23.63 9.01
N ASP A 599 -21.55 23.20 8.43
CA ASP A 599 -22.13 21.89 8.70
C ASP A 599 -22.23 21.13 7.39
N TRP A 600 -21.54 20.00 7.28
CA TRP A 600 -21.35 19.31 6.02
C TRP A 600 -22.48 18.34 5.74
N ILE A 601 -22.95 18.35 4.49
CA ILE A 601 -24.10 17.55 4.05
C ILE A 601 -23.61 16.46 3.10
N ASN A 602 -24.22 15.29 3.19
CA ASN A 602 -23.86 14.19 2.31
C ASN A 602 -24.35 14.47 0.90
N PRO A 603 -23.57 14.11 -0.13
CA PRO A 603 -24.00 14.38 -1.51
C PRO A 603 -25.27 13.65 -1.92
N ALA A 604 -25.51 12.46 -1.36
CA ALA A 604 -26.70 11.71 -1.72
C ALA A 604 -27.98 12.42 -1.31
N ASP A 605 -27.92 13.35 -0.36
CA ASP A 605 -29.05 14.18 0.02
C ASP A 605 -28.97 15.59 -0.59
N VAL A 606 -28.45 15.70 -1.81
CA VAL A 606 -28.28 16.98 -2.48
C VAL A 606 -28.73 16.83 -3.93
N GLU A 607 -29.42 17.85 -4.44
CA GLU A 607 -29.83 17.91 -5.84
C GLU A 607 -29.36 19.22 -6.44
N LEU A 608 -28.75 19.14 -7.63
CA LEU A 608 -28.23 20.32 -8.30
C LEU A 608 -29.31 20.92 -9.20
N THR A 609 -28.94 21.90 -10.01
CA THR A 609 -29.87 22.52 -10.95
C THR A 609 -29.87 21.77 -12.28
N PRO A 616 -26.72 23.97 -15.34
CA PRO A 616 -25.98 23.31 -14.26
C PRO A 616 -25.25 24.31 -13.35
N VAL A 617 -25.87 24.67 -12.24
CA VAL A 617 -25.32 25.70 -11.37
C VAL A 617 -25.44 25.29 -9.90
N SER A 618 -26.34 25.95 -9.16
CA SER A 618 -26.42 25.80 -7.73
C SER A 618 -26.93 24.40 -7.34
N ALA A 619 -27.02 24.17 -6.04
CA ALA A 619 -27.46 22.88 -5.52
C ALA A 619 -28.27 23.09 -4.24
N VAL A 620 -29.30 22.27 -4.07
CA VAL A 620 -30.13 22.24 -2.87
C VAL A 620 -30.23 20.80 -2.41
N LEU A 621 -30.85 20.60 -1.24
CA LEU A 621 -31.05 19.24 -0.74
C LEU A 621 -32.43 18.74 -1.17
N LYS A 622 -32.51 17.43 -1.44
CA LYS A 622 -33.67 16.87 -2.13
C LYS A 622 -34.93 16.90 -1.30
N ALA A 623 -34.81 16.79 0.03
CA ALA A 623 -36.00 16.73 0.88
C ALA A 623 -36.83 17.99 0.76
N ASP A 624 -36.19 19.14 0.56
CA ASP A 624 -36.90 20.42 0.43
C ASP A 624 -36.30 21.25 -0.70
N GLY A 625 -35.99 22.51 -0.41
CA GLY A 625 -35.42 23.38 -1.42
C GLY A 625 -34.41 24.36 -0.87
N LEU A 626 -34.13 24.26 0.42
CA LEU A 626 -33.14 25.13 1.05
C LEU A 626 -31.77 24.89 0.44
N PRO A 627 -31.13 25.90 -0.13
CA PRO A 627 -29.87 25.69 -0.83
C PRO A 627 -28.74 25.32 0.11
N VAL A 628 -27.74 24.62 -0.44
CA VAL A 628 -26.51 24.30 0.26
C VAL A 628 -25.35 24.88 -0.53
N VAL A 629 -24.24 25.09 0.16
CA VAL A 629 -23.04 25.69 -0.45
C VAL A 629 -22.14 24.58 -0.96
N ILE A 630 -21.80 24.65 -2.23
CA ILE A 630 -20.92 23.66 -2.86
C ILE A 630 -19.47 24.02 -2.53
N SER A 631 -18.75 23.07 -1.93
CA SER A 631 -17.39 23.27 -1.49
C SER A 631 -16.42 22.39 -2.29
N GLY A 632 -15.20 22.25 -1.79
CA GLY A 632 -14.16 21.59 -2.54
C GLY A 632 -14.29 20.08 -2.57
N THR A 633 -13.47 19.48 -3.43
CA THR A 633 -13.43 18.03 -3.59
C THR A 633 -12.25 17.46 -2.80
N GLU A 634 -12.47 16.32 -2.15
CA GLU A 634 -11.42 15.64 -1.41
C GLU A 634 -11.83 14.20 -1.18
N LYS A 635 -10.91 13.44 -0.59
CA LYS A 635 -11.14 12.03 -0.31
C LYS A 635 -12.40 11.83 0.51
N MET A 636 -13.17 10.81 0.15
CA MET A 636 -14.40 10.50 0.88
C MET A 636 -14.08 10.10 2.32
N SER A 637 -14.77 10.73 3.27
CA SER A 637 -14.61 10.41 4.67
C SER A 637 -15.77 10.99 5.45
N LYS A 638 -15.97 10.48 6.66
CA LYS A 638 -17.01 11.01 7.54
C LYS A 638 -16.65 12.38 8.11
N SER A 639 -15.42 12.84 7.89
CA SER A 639 -15.02 14.15 8.43
C SER A 639 -15.85 15.27 7.81
N LYS A 640 -15.90 15.33 6.48
CA LYS A 640 -16.67 16.35 5.78
C LYS A 640 -17.92 15.78 5.12
N ASN A 641 -18.32 14.58 5.51
CA ASN A 641 -19.60 13.97 5.11
C ASN A 641 -19.78 14.03 3.59
N ASN A 642 -18.91 13.28 2.91
CA ASN A 642 -18.93 13.27 1.45
C ASN A 642 -18.74 11.86 0.88
N GLY A 643 -18.82 10.82 1.69
CA GLY A 643 -18.73 9.47 1.19
C GLY A 643 -20.02 9.02 0.55
N VAL A 644 -19.95 8.65 -0.73
CA VAL A 644 -21.13 8.15 -1.44
C VAL A 644 -21.29 6.66 -1.14
N ASP A 645 -22.42 6.30 -0.55
CA ASP A 645 -22.70 4.90 -0.23
C ASP A 645 -22.80 4.09 -1.50
N PRO A 646 -21.93 3.08 -1.70
CA PRO A 646 -22.02 2.27 -2.93
C PRO A 646 -23.29 1.44 -3.01
N GLN A 647 -23.98 1.21 -1.90
CA GLN A 647 -25.22 0.45 -1.94
C GLN A 647 -26.30 1.22 -2.68
N GLU A 648 -26.33 2.55 -2.52
CA GLU A 648 -27.27 3.37 -3.29
C GLU A 648 -26.94 3.31 -4.78
N LEU A 649 -25.66 3.24 -5.13
CA LEU A 649 -25.26 3.12 -6.53
C LEU A 649 -25.67 1.77 -7.10
N ILE A 650 -25.56 0.71 -6.29
CA ILE A 650 -25.97 -0.61 -6.75
C ILE A 650 -27.49 -0.70 -6.87
N ASN A 651 -28.21 -0.10 -5.91
CA ASN A 651 -29.67 -0.10 -5.98
C ASN A 651 -30.18 0.67 -7.20
N ALA A 652 -29.48 1.74 -7.59
CA ALA A 652 -29.99 2.61 -8.64
C ALA A 652 -29.65 2.09 -10.04
N TYR A 653 -28.50 1.43 -10.19
CA TYR A 653 -28.01 1.06 -11.52
C TYR A 653 -27.59 -0.39 -11.67
N GLY A 654 -27.30 -1.11 -10.59
CA GLY A 654 -26.84 -2.48 -10.67
C GLY A 654 -25.34 -2.58 -10.50
N ALA A 655 -24.88 -3.83 -10.30
CA ALA A 655 -23.48 -4.07 -10.02
C ALA A 655 -22.59 -3.77 -11.21
N ASP A 656 -23.03 -4.13 -12.42
CA ASP A 656 -22.19 -3.95 -13.60
C ASP A 656 -21.91 -2.48 -13.86
N THR A 657 -22.90 -1.60 -13.63
CA THR A 657 -22.67 -0.18 -13.81
C THR A 657 -21.65 0.35 -12.81
N ALA A 658 -21.74 -0.10 -11.56
CA ALA A 658 -20.75 0.31 -10.55
C ALA A 658 -19.36 -0.13 -10.95
N ARG A 659 -19.19 -1.41 -11.27
CA ARG A 659 -17.88 -1.93 -11.67
C ARG A 659 -17.33 -1.19 -12.87
N LEU A 660 -18.17 -0.91 -13.86
CA LEU A 660 -17.70 -0.23 -15.07
C LEU A 660 -17.28 1.19 -14.77
N PHE A 661 -18.02 1.90 -13.93
CA PHE A 661 -17.67 3.27 -13.61
C PHE A 661 -16.33 3.34 -12.86
N MET A 662 -16.10 2.41 -11.92
CA MET A 662 -14.84 2.41 -11.18
C MET A 662 -13.65 2.21 -12.11
N MET A 663 -13.79 1.32 -13.10
CA MET A 663 -12.67 1.01 -13.98
C MET A 663 -12.46 2.06 -15.06
N PHE A 664 -13.53 2.73 -15.50
CA PHE A 664 -13.44 3.68 -16.59
C PHE A 664 -13.15 5.10 -16.15
N ALA A 665 -13.51 5.46 -14.92
CA ALA A 665 -13.36 6.84 -14.47
C ALA A 665 -11.90 7.28 -14.46
N ALA A 666 -11.03 6.48 -13.84
CA ALA A 666 -9.61 6.79 -13.75
C ALA A 666 -8.82 5.50 -13.69
N PRO A 667 -7.57 5.52 -14.13
CA PRO A 667 -6.69 4.35 -13.93
C PRO A 667 -6.56 4.03 -12.46
N PRO A 668 -6.18 2.79 -12.11
CA PRO A 668 -6.18 2.41 -10.69
C PRO A 668 -5.31 3.29 -9.80
N GLU A 669 -4.14 3.72 -10.29
CA GLU A 669 -3.27 4.56 -9.47
C GLU A 669 -3.84 5.97 -9.31
N GLN A 670 -4.58 6.46 -10.29
CA GLN A 670 -5.09 7.82 -10.25
CA GLN A 670 -5.09 7.82 -10.27
C GLN A 670 -6.28 7.93 -9.32
N SER A 671 -6.46 9.12 -8.75
CA SER A 671 -7.60 9.37 -7.88
C SER A 671 -8.89 9.37 -8.69
N LEU A 672 -9.92 8.74 -8.13
CA LEU A 672 -11.20 8.57 -8.81
C LEU A 672 -12.19 9.60 -8.29
N GLU A 673 -12.61 10.51 -9.16
CA GLU A 673 -13.58 11.54 -8.80
C GLU A 673 -14.99 11.02 -9.01
N TRP A 674 -15.82 11.08 -7.97
CA TRP A 674 -17.20 10.66 -8.09
C TRP A 674 -17.95 11.60 -9.03
N SER A 675 -18.68 11.03 -9.97
CA SER A 675 -19.41 11.80 -10.99
C SER A 675 -20.76 11.15 -11.23
N ASP A 676 -21.83 11.90 -10.98
CA ASP A 676 -23.15 11.44 -11.38
C ASP A 676 -23.24 11.30 -12.89
N SER A 677 -22.73 12.30 -13.62
CA SER A 677 -22.69 12.21 -15.08
C SER A 677 -21.83 11.04 -15.55
N GLY A 678 -20.78 10.71 -14.81
CA GLY A 678 -19.95 9.59 -15.19
C GLY A 678 -20.64 8.25 -15.00
N VAL A 679 -21.39 8.11 -13.90
CA VAL A 679 -22.11 6.87 -13.65
C VAL A 679 -23.19 6.66 -14.71
N GLU A 680 -23.86 7.74 -15.11
CA GLU A 680 -24.88 7.65 -16.15
C GLU A 680 -24.27 7.19 -17.47
N GLY A 681 -23.10 7.70 -17.82
CA GLY A 681 -22.44 7.27 -19.05
C GLY A 681 -22.09 5.79 -19.02
N ALA A 682 -21.66 5.29 -17.86
CA ALA A 682 -21.37 3.87 -17.73
C ALA A 682 -22.63 3.04 -17.94
N HIS A 683 -23.74 3.44 -17.31
CA HIS A 683 -24.99 2.70 -17.47
C HIS A 683 -25.51 2.81 -18.90
N ARG A 684 -25.32 3.96 -19.55
CA ARG A 684 -25.77 4.13 -20.91
C ARG A 684 -24.97 3.27 -21.89
N PHE A 685 -23.69 3.04 -21.60
CA PHE A 685 -22.90 2.18 -22.46
C PHE A 685 -23.34 0.72 -22.32
N LEU A 686 -23.73 0.31 -21.11
CA LEU A 686 -24.26 -1.04 -20.95
C LEU A 686 -25.59 -1.20 -21.67
N ARG A 687 -26.42 -0.14 -21.69
CA ARG A 687 -27.63 -0.17 -22.50
C ARG A 687 -27.28 -0.31 -23.98
N ARG A 688 -26.18 0.31 -24.42
CA ARG A 688 -25.78 0.22 -25.82
C ARG A 688 -25.32 -1.18 -26.17
N LEU A 689 -24.46 -1.77 -25.33
CA LEU A 689 -24.00 -3.13 -25.57
C LEU A 689 -25.17 -4.11 -25.64
N TRP A 690 -26.15 -3.92 -24.76
CA TRP A 690 -27.33 -4.79 -24.77
C TRP A 690 -28.12 -4.64 -26.07
N ARG A 691 -28.33 -3.39 -26.51
CA ARG A 691 -29.11 -3.16 -27.72
C ARG A 691 -28.36 -3.65 -28.96
N THR A 692 -27.02 -3.53 -28.98
CA THR A 692 -26.26 -3.99 -30.12
C THR A 692 -26.44 -5.49 -30.35
N VAL A 693 -26.37 -6.28 -29.27
CA VAL A 693 -26.57 -7.72 -29.39
C VAL A 693 -28.02 -8.03 -29.73
N TYR A 694 -28.97 -7.30 -29.12
CA TYR A 694 -30.38 -7.56 -29.37
C TYR A 694 -30.75 -7.29 -30.82
N GLU A 695 -30.36 -6.12 -31.35
CA GLU A 695 -30.68 -5.80 -32.73
C GLU A 695 -29.99 -6.74 -33.71
N TYR A 696 -28.80 -7.25 -33.35
CA TYR A 696 -28.13 -8.22 -34.21
C TYR A 696 -28.88 -9.54 -34.23
N LEU A 697 -29.33 -10.00 -33.06
CA LEU A 697 -30.06 -11.27 -33.00
C LEU A 697 -31.47 -11.14 -33.55
N LYS A 698 -32.03 -9.93 -33.53
CA LYS A 698 -33.36 -9.70 -34.09
C LYS A 698 -33.36 -9.64 -35.61
N GLN A 699 -32.19 -9.74 -36.24
CA GLN A 699 -32.09 -9.70 -37.69
C GLN A 699 -31.44 -10.97 -38.22
N GLY A 700 -31.95 -12.13 -37.82
CA GLY A 700 -31.49 -13.38 -38.39
C GLY A 700 -31.06 -14.43 -37.39
N GLY A 701 -30.76 -14.02 -36.16
CA GLY A 701 -30.30 -14.96 -35.16
C GLY A 701 -28.81 -15.25 -35.27
N ALA A 702 -28.32 -16.04 -34.32
CA ALA A 702 -26.90 -16.31 -34.22
C ALA A 702 -26.43 -17.22 -35.36
N VAL A 703 -25.20 -16.98 -35.80
CA VAL A 703 -24.55 -17.80 -36.82
C VAL A 703 -23.17 -18.20 -36.30
N LYS A 704 -22.45 -18.98 -37.11
CA LYS A 704 -21.09 -19.37 -36.75
C LYS A 704 -20.14 -18.20 -37.00
N ALA A 705 -19.36 -17.85 -35.97
CA ALA A 705 -18.47 -16.71 -36.07
C ALA A 705 -17.42 -16.94 -37.16
N PHE A 706 -17.08 -15.86 -37.86
CA PHE A 706 -16.10 -15.97 -38.94
C PHE A 706 -14.75 -16.43 -38.39
N ALA A 707 -14.11 -17.34 -39.12
CA ALA A 707 -12.82 -17.86 -38.73
C ALA A 707 -12.10 -18.37 -39.97
N GLY A 708 -10.78 -18.21 -39.98
CA GLY A 708 -9.98 -18.78 -41.05
C GLY A 708 -9.58 -17.81 -42.13
N ASN A 709 -9.34 -18.35 -43.34
CA ASN A 709 -8.88 -17.55 -44.48
C ASN A 709 -9.87 -16.42 -44.77
N GLN A 710 -9.40 -15.17 -44.65
CA GLN A 710 -10.23 -14.01 -44.92
C GLN A 710 -10.08 -13.50 -46.35
N ASP A 711 -9.36 -14.21 -47.20
CA ASP A 711 -9.36 -13.89 -48.63
C ASP A 711 -10.78 -13.99 -49.17
N GLY A 712 -11.15 -13.05 -50.03
CA GLY A 712 -12.51 -12.97 -50.53
C GLY A 712 -13.43 -12.06 -49.74
N LEU A 713 -13.08 -11.74 -48.50
CA LEU A 713 -13.85 -10.79 -47.72
C LEU A 713 -13.75 -9.39 -48.33
N SER A 714 -14.78 -8.60 -48.12
CA SER A 714 -14.77 -7.23 -48.61
C SER A 714 -13.79 -6.38 -47.80
N LYS A 715 -13.39 -5.26 -48.39
CA LYS A 715 -12.47 -4.36 -47.70
C LYS A 715 -13.08 -3.83 -46.41
N GLU A 716 -14.38 -3.58 -46.41
CA GLU A 716 -15.05 -3.09 -45.20
C GLU A 716 -15.01 -4.13 -44.09
N LEU A 717 -15.26 -5.40 -44.41
CA LEU A 717 -15.24 -6.44 -43.39
C LEU A 717 -13.83 -6.85 -43.01
N LYS A 718 -12.87 -6.75 -43.94
CA LYS A 718 -11.47 -6.94 -43.58
C LYS A 718 -11.01 -5.87 -42.61
N ASP A 719 -11.49 -4.63 -42.79
CA ASP A 719 -11.13 -3.54 -41.88
C ASP A 719 -11.77 -3.73 -40.52
N LEU A 720 -12.95 -4.34 -40.45
CA LEU A 720 -13.58 -4.60 -39.16
C LEU A 720 -12.86 -5.71 -38.41
N ARG A 721 -12.39 -6.74 -39.14
CA ARG A 721 -11.60 -7.79 -38.49
C ARG A 721 -10.26 -7.26 -38.02
N HIS A 722 -9.65 -6.35 -38.78
CA HIS A 722 -8.40 -5.73 -38.34
C HIS A 722 -8.60 -4.98 -37.04
N LYS A 723 -9.68 -4.19 -36.93
CA LYS A 723 -9.98 -3.51 -35.69
C LYS A 723 -10.29 -4.49 -34.57
N LEU A 724 -10.93 -5.62 -34.89
CA LEU A 724 -11.28 -6.61 -33.89
C LEU A 724 -10.04 -7.15 -33.19
N HIS A 725 -9.14 -7.78 -33.96
CA HIS A 725 -7.99 -8.46 -33.37
C HIS A 725 -6.94 -7.48 -32.88
N SER A 726 -6.94 -6.24 -33.38
CA SER A 726 -6.09 -5.21 -32.77
C SER A 726 -6.67 -4.74 -31.44
N THR A 727 -8.01 -4.73 -31.34
CA THR A 727 -8.64 -4.44 -30.04
C THR A 727 -8.35 -5.56 -29.05
N THR A 728 -8.47 -6.81 -29.48
CA THR A 728 -8.15 -7.94 -28.61
C THR A 728 -6.69 -7.87 -28.14
N ALA A 729 -5.77 -7.56 -29.06
CA ALA A 729 -4.37 -7.42 -28.67
C ALA A 729 -4.18 -6.23 -27.73
N LYS A 730 -4.92 -5.13 -27.97
CA LYS A 730 -4.82 -3.97 -27.10
C LYS A 730 -5.37 -4.27 -25.72
N VAL A 731 -6.53 -4.94 -25.65
CA VAL A 731 -7.13 -5.26 -24.36
C VAL A 731 -6.26 -6.23 -23.58
N SER A 732 -5.74 -7.27 -24.25
CA SER A 732 -4.91 -8.26 -23.57
C SER A 732 -3.68 -7.62 -22.95
N ASP A 733 -3.01 -6.73 -23.69
CA ASP A 733 -1.87 -6.03 -23.14
C ASP A 733 -2.27 -5.02 -22.06
N ASP A 734 -3.52 -4.56 -22.08
CA ASP A 734 -3.99 -3.68 -21.02
C ASP A 734 -4.27 -4.45 -19.74
N TYR A 735 -4.91 -5.62 -19.84
CA TYR A 735 -5.18 -6.41 -18.65
C TYR A 735 -3.91 -7.05 -18.09
N GLY A 736 -3.06 -7.60 -18.96
CA GLY A 736 -1.93 -8.39 -18.52
C GLY A 736 -0.68 -7.61 -18.18
N ARG A 737 -0.36 -6.59 -18.98
CA ARG A 737 0.89 -5.85 -18.82
C ARG A 737 0.67 -4.47 -18.21
N ARG A 738 -0.09 -3.60 -18.87
CA ARG A 738 -0.20 -2.22 -18.44
C ARG A 738 -1.08 -2.06 -17.20
N GLN A 739 -2.07 -2.94 -17.03
CA GLN A 739 -3.02 -2.85 -15.92
C GLN A 739 -3.69 -1.48 -15.88
N GLN A 740 -3.98 -0.94 -17.07
CA GLN A 740 -4.75 0.29 -17.22
C GLN A 740 -6.06 -0.09 -17.89
N PHE A 741 -7.15 -0.09 -17.12
CA PHE A 741 -8.40 -0.69 -17.56
C PHE A 741 -9.32 0.27 -18.28
N ASN A 742 -9.20 1.58 -18.02
CA ASN A 742 -10.07 2.54 -18.72
C ASN A 742 -9.74 2.61 -20.20
N THR A 743 -8.48 2.35 -20.59
CA THR A 743 -8.14 2.33 -22.00
C THR A 743 -8.65 1.07 -22.70
N ALA A 744 -8.74 -0.05 -21.97
CA ALA A 744 -9.30 -1.26 -22.55
C ALA A 744 -10.79 -1.09 -22.82
N ILE A 745 -11.50 -0.39 -21.93
CA ILE A 745 -12.91 -0.10 -22.17
C ILE A 745 -13.06 0.80 -23.39
N ALA A 746 -12.21 1.83 -23.49
CA ALA A 746 -12.25 2.71 -24.65
C ALA A 746 -11.92 1.97 -25.93
N ALA A 747 -11.04 0.97 -25.87
CA ALA A 747 -10.69 0.19 -27.05
C ALA A 747 -11.89 -0.61 -27.55
N VAL A 748 -12.66 -1.20 -26.63
CA VAL A 748 -13.86 -1.93 -27.03
C VAL A 748 -14.91 -0.96 -27.56
N MET A 749 -15.01 0.23 -26.96
CA MET A 749 -15.91 1.25 -27.46
C MET A 749 -15.57 1.63 -28.90
N GLU A 750 -14.27 1.71 -29.22
CA GLU A 750 -13.89 2.02 -30.59
C GLU A 750 -14.23 0.87 -31.54
N LEU A 751 -14.12 -0.37 -31.07
CA LEU A 751 -14.51 -1.51 -31.90
C LEU A 751 -16.01 -1.47 -32.19
N LEU A 752 -16.83 -1.18 -31.18
CA LEU A 752 -18.26 -1.08 -31.40
C LEU A 752 -18.61 0.08 -32.33
N ASN A 753 -17.82 1.16 -32.31
CA ASN A 753 -18.06 2.28 -33.20
C ASN A 753 -17.86 1.87 -34.66
N GLN A 754 -16.75 1.19 -34.96
CA GLN A 754 -16.50 0.74 -36.33
C GLN A 754 -17.52 -0.30 -36.76
N TYR A 755 -17.95 -1.15 -35.83
CA TYR A 755 -19.01 -2.11 -36.12
C TYR A 755 -20.30 -1.39 -36.49
N ASP A 756 -20.64 -0.31 -35.75
CA ASP A 756 -21.86 0.42 -36.04
C ASP A 756 -21.83 1.08 -37.41
N LYS A 757 -20.63 1.39 -37.91
CA LYS A 757 -20.47 2.03 -39.21
C LYS A 757 -20.26 1.04 -40.34
N THR A 758 -20.25 -0.26 -40.05
CA THR A 758 -20.00 -1.28 -41.05
C THR A 758 -21.29 -2.02 -41.39
N ASP A 759 -21.54 -2.19 -42.68
CA ASP A 759 -22.68 -2.98 -43.17
C ASP A 759 -22.37 -4.45 -42.99
N THR A 760 -23.00 -5.09 -42.00
CA THR A 760 -22.84 -6.51 -41.73
C THR A 760 -24.08 -7.30 -42.11
N GLY A 761 -24.79 -6.86 -43.15
CA GLY A 761 -26.05 -7.50 -43.50
C GLY A 761 -25.91 -8.75 -44.35
N SER A 762 -24.82 -8.87 -45.10
CA SER A 762 -24.62 -10.03 -45.95
C SER A 762 -24.29 -11.26 -45.11
N GLU A 763 -24.21 -12.40 -45.79
CA GLU A 763 -23.92 -13.66 -45.12
C GLU A 763 -22.53 -13.63 -44.49
N GLN A 764 -21.53 -13.17 -45.25
CA GLN A 764 -20.20 -13.02 -44.69
C GLN A 764 -20.15 -11.89 -43.67
N GLY A 765 -21.04 -10.90 -43.80
CA GLY A 765 -21.09 -9.81 -42.85
C GLY A 765 -21.57 -10.24 -41.49
N ARG A 766 -22.59 -11.10 -41.44
CA ARG A 766 -23.11 -11.56 -40.16
C ARG A 766 -22.14 -12.52 -39.47
N ALA A 767 -21.33 -13.24 -40.25
CA ALA A 767 -20.29 -14.07 -39.64
C ALA A 767 -19.22 -13.22 -38.98
N VAL A 768 -18.87 -12.07 -39.59
CA VAL A 768 -17.91 -11.16 -38.98
C VAL A 768 -18.55 -10.46 -37.79
N ALA A 769 -19.83 -10.08 -37.92
CA ALA A 769 -20.53 -9.48 -36.79
C ALA A 769 -20.59 -10.43 -35.59
N GLN A 770 -20.89 -11.70 -35.86
CA GLN A 770 -20.85 -12.70 -34.79
C GLN A 770 -19.47 -12.75 -34.14
N GLU A 771 -18.40 -12.70 -34.95
CA GLU A 771 -17.05 -12.73 -34.41
C GLU A 771 -16.75 -11.47 -33.61
N VAL A 772 -17.27 -10.33 -34.05
CA VAL A 772 -17.04 -9.08 -33.32
C VAL A 772 -17.72 -9.13 -31.95
N LEU A 773 -19.00 -9.52 -31.93
CA LEU A 773 -19.74 -9.50 -30.68
C LEU A 773 -19.25 -10.58 -29.71
N GLU A 774 -18.92 -11.77 -30.23
CA GLU A 774 -18.42 -12.82 -29.35
C GLU A 774 -17.08 -12.45 -28.72
N ALA A 775 -16.30 -11.60 -29.39
CA ALA A 775 -15.05 -11.14 -28.79
C ALA A 775 -15.30 -10.02 -27.79
N ALA A 776 -16.17 -9.07 -28.14
CA ALA A 776 -16.38 -7.91 -27.29
C ALA A 776 -16.96 -8.29 -25.93
N VAL A 777 -17.87 -9.26 -25.91
CA VAL A 777 -18.46 -9.67 -24.63
C VAL A 777 -17.46 -10.46 -23.80
N ARG A 778 -16.51 -11.14 -24.45
CA ARG A 778 -15.46 -11.81 -23.69
C ARG A 778 -14.36 -10.83 -23.27
N LEU A 779 -14.12 -9.80 -24.07
CA LEU A 779 -13.15 -8.78 -23.68
C LEU A 779 -13.63 -7.97 -22.48
N LEU A 780 -14.95 -7.80 -22.35
CA LEU A 780 -15.53 -7.03 -21.25
C LEU A 780 -16.02 -7.88 -20.09
N TRP A 781 -16.00 -9.21 -20.24
CA TRP A 781 -16.45 -10.09 -19.17
C TRP A 781 -15.70 -9.88 -17.85
N PRO A 782 -14.38 -9.67 -17.83
CA PRO A 782 -13.72 -9.39 -16.54
C PRO A 782 -14.24 -8.14 -15.84
N ILE A 783 -14.75 -7.16 -16.58
CA ILE A 783 -15.21 -5.91 -15.99
C ILE A 783 -16.70 -5.97 -15.67
N VAL A 784 -17.52 -6.37 -16.62
CA VAL A 784 -18.97 -6.44 -16.43
C VAL A 784 -19.43 -7.87 -16.71
N PRO A 785 -19.17 -8.81 -15.79
CA PRO A 785 -19.43 -10.23 -16.12
C PRO A 785 -20.90 -10.59 -16.21
N HIS A 786 -21.78 -9.89 -15.49
CA HIS A 786 -23.19 -10.27 -15.49
C HIS A 786 -23.81 -10.08 -16.87
N ILE A 787 -23.68 -8.89 -17.44
CA ILE A 787 -24.28 -8.63 -18.74
C ILE A 787 -23.56 -9.40 -19.83
N CYS A 788 -22.25 -9.60 -19.69
CA CYS A 788 -21.50 -10.33 -20.71
C CYS A 788 -21.85 -11.82 -20.70
N GLU A 789 -22.00 -12.40 -19.52
CA GLU A 789 -22.44 -13.80 -19.43
C GLU A 789 -23.83 -13.96 -20.02
N THR A 790 -24.72 -13.00 -19.76
CA THR A 790 -26.06 -13.07 -20.30
C THR A 790 -26.06 -12.93 -21.82
N LEU A 791 -25.27 -11.99 -22.35
CA LEU A 791 -25.21 -11.79 -23.79
C LEU A 791 -24.50 -12.94 -24.49
N TRP A 792 -23.47 -13.50 -23.87
CA TRP A 792 -22.76 -14.62 -24.47
C TRP A 792 -23.68 -15.82 -24.68
N SER A 793 -24.51 -16.13 -23.67
CA SER A 793 -25.44 -17.24 -23.81
C SER A 793 -26.46 -17.00 -24.91
N GLU A 794 -26.73 -15.75 -25.26
CA GLU A 794 -27.60 -15.46 -26.40
C GLU A 794 -26.85 -15.61 -27.72
N LEU A 795 -25.53 -15.37 -27.73
CA LEU A 795 -24.74 -15.50 -28.94
C LEU A 795 -24.20 -16.91 -29.15
N ASN A 796 -23.90 -17.64 -28.09
CA ASN A 796 -23.24 -18.93 -28.20
C ASN A 796 -23.69 -19.82 -27.06
N GLY A 797 -23.78 -21.12 -27.35
CA GLY A 797 -24.24 -22.08 -26.37
C GLY A 797 -23.15 -22.67 -25.50
N ALA A 798 -21.90 -22.53 -25.93
CA ALA A 798 -20.78 -23.05 -25.16
C ALA A 798 -20.56 -22.23 -23.90
N LYS A 799 -19.92 -22.85 -22.92
CA LYS A 799 -19.58 -22.15 -21.68
C LYS A 799 -18.55 -21.07 -21.95
N LEU A 800 -18.81 -19.86 -21.45
CA LEU A 800 -17.92 -18.74 -21.73
C LEU A 800 -16.51 -18.98 -21.20
N TRP A 801 -16.39 -19.51 -19.98
CA TRP A 801 -15.07 -19.76 -19.42
C TRP A 801 -14.36 -20.91 -20.12
N GLU A 802 -15.10 -21.78 -20.82
CA GLU A 802 -14.49 -22.82 -21.62
C GLU A 802 -14.15 -22.35 -23.03
N ALA A 803 -14.83 -21.31 -23.53
CA ALA A 803 -14.44 -20.71 -24.79
C ALA A 803 -13.10 -20.00 -24.66
N GLY A 804 -12.86 -19.39 -23.50
CA GLY A 804 -11.56 -18.81 -23.19
C GLY A 804 -11.38 -17.40 -23.72
N TRP A 805 -10.23 -16.83 -23.36
CA TRP A 805 -9.90 -15.48 -23.79
C TRP A 805 -9.79 -15.43 -25.31
N PRO A 806 -10.27 -14.37 -25.96
CA PRO A 806 -10.17 -14.29 -27.42
C PRO A 806 -8.72 -14.30 -27.89
N THR A 807 -8.46 -15.06 -28.95
CA THR A 807 -7.13 -15.13 -29.53
C THR A 807 -7.00 -14.13 -30.66
N VAL A 808 -5.80 -13.57 -30.79
CA VAL A 808 -5.51 -12.64 -31.87
C VAL A 808 -5.25 -13.43 -33.16
N ASP A 809 -5.90 -13.01 -34.24
CA ASP A 809 -5.68 -13.60 -35.56
C ASP A 809 -4.69 -12.71 -36.29
N GLU A 810 -3.44 -13.19 -36.40
CA GLU A 810 -2.38 -12.38 -37.00
C GLU A 810 -2.64 -12.12 -38.48
N ALA A 811 -3.33 -13.04 -39.16
CA ALA A 811 -3.63 -12.84 -40.58
C ALA A 811 -4.54 -11.65 -40.80
N ALA A 812 -5.45 -11.38 -39.87
CA ALA A 812 -6.33 -10.22 -39.99
C ALA A 812 -5.59 -8.90 -39.76
N LEU A 813 -4.32 -8.95 -39.33
CA LEU A 813 -3.54 -7.74 -39.10
C LEU A 813 -2.62 -7.39 -40.26
N VAL A 814 -2.46 -8.27 -41.25
CA VAL A 814 -1.63 -7.96 -42.40
C VAL A 814 -2.45 -7.19 -43.42
N LYS A 815 -1.81 -6.24 -44.08
CA LYS A 815 -2.45 -5.43 -45.12
C LYS A 815 -2.09 -5.97 -46.49
N SER A 816 -3.04 -5.85 -47.42
CA SER A 816 -2.92 -6.44 -48.75
C SER A 816 -2.74 -5.32 -49.77
N GLU A 817 -1.55 -5.27 -50.38
CA GLU A 817 -1.28 -4.41 -51.53
C GLU A 817 -0.75 -5.27 -52.67
N ILE A 818 -0.65 -4.68 -53.85
CA ILE A 818 -0.30 -5.39 -55.08
C ILE A 818 1.10 -5.01 -55.49
N GLU A 819 1.85 -6.00 -55.98
CA GLU A 819 3.21 -5.76 -56.49
C GLU A 819 3.11 -5.16 -57.88
N VAL A 820 3.51 -3.89 -58.00
CA VAL A 820 3.42 -3.15 -59.26
C VAL A 820 4.84 -2.84 -59.74
N MET A 821 5.05 -2.95 -61.04
CA MET A 821 6.33 -2.63 -61.67
C MET A 821 6.22 -1.29 -62.40
N VAL A 822 7.36 -0.60 -62.50
CA VAL A 822 7.41 0.71 -63.12
C VAL A 822 8.31 0.64 -64.35
N GLN A 823 8.05 1.54 -65.31
CA GLN A 823 8.87 1.65 -66.49
C GLN A 823 8.89 3.10 -66.96
N VAL A 824 10.07 3.56 -67.39
CA VAL A 824 10.27 4.94 -67.83
C VAL A 824 10.55 4.90 -69.32
N ASN A 825 9.62 5.42 -70.11
CA ASN A 825 9.74 5.47 -71.57
C ASN A 825 9.91 4.07 -72.17
N GLY A 826 9.22 3.09 -71.58
CA GLY A 826 9.23 1.75 -72.12
C GLY A 826 10.04 0.75 -71.31
N LYS A 827 11.25 1.12 -70.94
CA LYS A 827 12.14 0.21 -70.21
C LYS A 827 11.82 0.27 -68.72
N LEU A 828 11.74 -0.90 -68.10
CA LEU A 828 11.42 -1.01 -66.67
C LEU A 828 12.55 -0.46 -65.81
N ALA A 841 -3.82 7.40 -59.86
CA ALA A 841 -4.00 8.26 -58.70
C ALA A 841 -3.15 7.79 -57.52
N ASP A 842 -3.61 6.73 -56.86
CA ASP A 842 -2.87 6.19 -55.72
C ASP A 842 -1.57 5.52 -56.16
N LEU A 843 -1.61 4.83 -57.31
CA LEU A 843 -0.41 4.21 -57.86
C LEU A 843 0.49 5.20 -58.58
N GLU A 844 -0.07 6.32 -59.08
CA GLU A 844 0.75 7.33 -59.74
C GLU A 844 1.52 8.16 -58.72
N ALA A 845 0.96 8.39 -57.53
CA ALA A 845 1.67 9.14 -56.51
C ALA A 845 2.81 8.33 -55.90
N ALA A 846 2.67 7.00 -55.87
CA ALA A 846 3.75 6.17 -55.35
C ALA A 846 4.88 6.06 -56.36
N ALA A 847 4.55 5.79 -57.62
CA ALA A 847 5.56 5.70 -58.67
C ALA A 847 6.15 7.06 -59.03
N LEU A 848 5.54 8.15 -58.57
CA LEU A 848 6.17 9.46 -58.70
C LEU A 848 7.18 9.72 -57.59
N ALA A 849 6.95 9.13 -56.41
CA ALA A 849 7.94 9.11 -55.34
C ALA A 849 8.94 7.97 -55.50
N ASN A 850 9.14 7.51 -56.75
CA ASN A 850 10.03 6.40 -57.05
C ASN A 850 11.47 6.71 -56.61
N ILE A 865 1.70 9.26 -68.72
CA ILE A 865 1.56 9.09 -67.28
C ILE A 865 0.35 8.24 -66.95
N ILE A 866 -0.04 7.37 -67.89
CA ILE A 866 -1.19 6.49 -67.71
C ILE A 866 -0.77 5.26 -66.92
N VAL A 867 -1.74 4.46 -66.50
CA VAL A 867 -1.48 3.28 -65.68
C VAL A 867 -2.51 2.21 -66.01
N VAL A 868 -2.03 1.00 -66.27
CA VAL A 868 -2.92 -0.15 -66.43
C VAL A 868 -3.28 -0.69 -65.05
N PRO A 869 -4.57 -0.88 -64.73
CA PRO A 869 -4.97 -1.18 -63.35
C PRO A 869 -4.34 -2.41 -62.74
N GLY A 870 -3.50 -2.22 -61.72
CA GLY A 870 -3.05 -3.28 -60.84
C GLY A 870 -1.68 -3.84 -61.15
N ARG A 871 -1.26 -3.84 -62.42
CA ARG A 871 -0.05 -4.54 -62.84
C ARG A 871 1.09 -3.58 -63.16
N LEU A 872 0.93 -2.72 -64.17
CA LEU A 872 2.01 -1.87 -64.65
C LEU A 872 1.71 -0.41 -64.35
N VAL A 873 2.78 0.38 -64.24
CA VAL A 873 2.70 1.83 -64.20
C VAL A 873 3.86 2.38 -65.04
N ASN A 874 3.55 3.33 -65.92
CA ASN A 874 4.54 3.88 -66.84
C ASN A 874 4.67 5.38 -66.61
N ILE A 875 5.91 5.84 -66.45
CA ILE A 875 6.21 7.25 -66.24
C ILE A 875 6.77 7.80 -67.56
N VAL A 876 5.89 8.41 -68.35
CA VAL A 876 6.27 8.96 -69.65
C VAL A 876 7.24 10.11 -69.45
N VAL A 877 8.52 9.80 -69.23
CA VAL A 877 9.54 10.81 -69.01
C VAL A 877 10.00 11.38 -70.34
N OVQ B . -7.70 -4.41 6.64
CA OVQ B . -6.76 -3.46 6.04
C OVQ B . -7.50 -2.30 5.39
O OVQ B . -6.89 -1.30 5.00
CB OVQ B . -5.82 -4.12 5.03
CG OVQ B . -4.67 -4.99 5.56
CD1 OVQ B . -3.64 -4.14 6.29
CD2 OVQ B . -4.02 -5.78 4.44
C1 OVQ B . -9.88 -0.25 0.35
C13 OVQ B . -11.52 5.44 0.33
C14 OVQ B . -10.40 4.88 0.88
C15 OVQ B . -12.83 5.71 0.95
C16 OVQ B . -13.98 5.86 0.19
C18 OVQ B . -15.29 6.18 2.04
C19 OVQ B . -14.21 6.04 2.89
C2 OVQ B . -8.54 0.46 0.28
C20 OVQ B . -12.96 5.80 2.33
C3 OVQ B . -7.60 -0.17 1.30
C4 OVQ B . -7.50 -1.68 1.13
C5 OVQ B . -8.87 -2.34 1.00
C6 OVQ B . -9.61 -2.57 2.30
C7 OVQ B . -8.72 1.96 0.54
C8 OVQ B . -8.03 2.88 -0.46
C9 OVQ B . -8.13 4.36 -0.10
N10 OVQ B . -9.50 4.86 -0.12
N11 OVQ B . -10.02 5.39 -1.25
N12 OVQ B . -11.26 5.74 -0.97
N17 OVQ B . -15.20 6.09 0.70
N3S OVQ B . -8.85 -2.45 5.27
O1S OVQ B . -11.22 -2.04 4.76
O2S OVQ B . -9.68 -0.15 5.17
O3 OVQ B . -6.30 0.42 1.19
O4 OVQ B . -6.72 -1.99 -0.02
O5 OVQ B . -9.73 -1.65 0.08
O6 OVQ B . -9.62 -1.34 3.09
S OVQ B . -9.93 -1.45 4.65
ZN ZN C . 5.63 -21.18 37.50
C1 EDO D . 12.63 5.78 11.48
O1 EDO D . 13.04 5.07 12.66
C2 EDO D . 11.60 4.96 10.71
O2 EDO D . 12.18 3.70 10.33
C1 EDO E . 8.85 -1.20 13.61
O1 EDO E . 7.59 -0.62 13.94
C2 EDO E . 9.04 -1.23 12.10
O2 EDO E . 9.20 0.10 11.61
C1 EDO F . 16.77 -1.75 17.60
O1 EDO F . 17.53 -0.58 17.24
C2 EDO F . 15.80 -1.40 18.71
O2 EDO F . 14.93 -0.35 18.28
MG MG G . 12.81 -12.09 -10.02
#